data_6G7Q
#
_entry.id   6G7Q
#
_cell.length_a   56.330
_cell.length_b   102.010
_cell.length_c   57.670
_cell.angle_alpha   90.000
_cell.angle_beta   112.850
_cell.angle_gamma   90.000
#
_symmetry.space_group_name_H-M   'P 1 21 1'
#
loop_
_entity.id
_entity.type
_entity.pdbx_description
1 polymer 'Extracellular solute-binding protein, family 1'
2 non-polymer 'CHLORIDE ION'
3 non-polymer GLYCEROL
4 non-polymer 'FE (III) ION'
5 non-polymer 'CITRATE ANION'
6 water water
#
_entity_poly.entity_id   1
_entity_poly.type   'polypeptide(L)'
_entity_poly.pdbx_seq_one_letter_code
;GAINLYSSRHYDTDQALYDSFTKKTGLKVNLIEGKGDKLIERIKSEGANSPADVFMTVDAGRLWRAQEAGILQPISSSTL
NNKIPANLRSPEKLWFGFSKRARVIMYNKNKVQPSELSTYEDLAQNKWKGKIVIRSSSNIYNQSLIASLIEIHGMSDAEG
WAKGFVRNFARPPEGNDTAQIKAVAAGIGDIGLANSYYLARLKRSSKPEDQAVADKVGMFFPNQNGRGTHVNISGGGVVK
NAPNKEGAIKFLEYLVSPEAQKIFSEGNNEYPVVAGVPIASVLKPFGSFKNDSTNVSVYGKLNADAIKLMDRVGWKLE
;
_entity_poly.pdbx_strand_id   B,A
#
loop_
_chem_comp.id
_chem_comp.type
_chem_comp.name
_chem_comp.formula
CL non-polymer 'CHLORIDE ION' 'Cl -1'
FE non-polymer 'FE (III) ION' 'Fe 3'
FLC non-polymer 'CITRATE ANION' 'C6 H5 O7 -3'
GOL non-polymer GLYCEROL 'C3 H8 O3'
#
# COMPACT_ATOMS: atom_id res chain seq x y z
N GLY A 1 22.98 -29.32 -2.37
CA GLY A 1 22.60 -28.88 -3.74
C GLY A 1 22.96 -27.39 -3.98
N ALA A 2 22.41 -26.80 -5.01
CA ALA A 2 22.76 -25.42 -5.36
C ALA A 2 21.60 -24.72 -5.99
N ILE A 3 21.65 -23.40 -5.98
CA ILE A 3 20.74 -22.58 -6.77
C ILE A 3 21.55 -21.70 -7.72
N ASN A 4 20.96 -21.38 -8.86
CA ASN A 4 21.56 -20.46 -9.82
C ASN A 4 20.84 -19.10 -9.76
N LEU A 5 21.57 -18.11 -9.28
CA LEU A 5 21.05 -16.78 -9.05
C LEU A 5 21.54 -15.92 -10.24
N TYR A 6 20.58 -15.49 -11.06
CA TYR A 6 20.84 -14.56 -12.16
C TYR A 6 20.50 -13.17 -11.65
N SER A 7 21.51 -12.33 -11.47
CA SER A 7 21.27 -11.05 -10.84
C SER A 7 22.01 -9.91 -11.50
N SER A 8 21.32 -8.79 -11.62
CA SER A 8 21.93 -7.50 -12.02
C SER A 8 22.21 -6.59 -10.87
N ARG A 9 21.96 -7.08 -9.66
CA ARG A 9 21.89 -6.30 -8.44
C ARG A 9 22.98 -6.73 -7.41
N HIS A 10 23.87 -7.64 -7.80
CA HIS A 10 24.92 -8.12 -6.92
C HIS A 10 25.95 -7.06 -6.60
N TYR A 11 26.34 -6.95 -5.34
CA TYR A 11 27.58 -6.23 -4.91
C TYR A 11 28.46 -7.23 -4.13
N ASP A 12 29.75 -6.97 -4.07
N ASP A 12 29.75 -6.94 -4.09
CA ASP A 12 30.65 -7.99 -3.50
CA ASP A 12 30.75 -7.80 -3.46
C ASP A 12 30.40 -8.27 -2.02
C ASP A 12 30.40 -8.24 -2.03
N THR A 13 29.83 -7.29 -1.29
CA THR A 13 29.43 -7.49 0.06
C THR A 13 28.30 -8.54 0.19
N ASP A 14 27.63 -8.84 -0.89
CA ASP A 14 26.58 -9.86 -0.88
C ASP A 14 27.14 -11.25 -0.75
N GLN A 15 28.43 -11.45 -1.01
CA GLN A 15 29.01 -12.76 -0.76
C GLN A 15 28.77 -13.25 0.66
N ALA A 16 28.77 -12.35 1.63
CA ALA A 16 28.55 -12.76 3.04
C ALA A 16 27.14 -13.33 3.22
N LEU A 17 26.21 -12.75 2.48
CA LEU A 17 24.83 -13.20 2.49
C LEU A 17 24.71 -14.59 1.85
N TYR A 18 25.37 -14.78 0.73
CA TYR A 18 25.35 -16.11 0.07
C TYR A 18 25.98 -17.17 0.99
N ASP A 19 27.10 -16.82 1.62
CA ASP A 19 27.80 -17.78 2.45
C ASP A 19 26.97 -18.17 3.67
N SER A 20 26.27 -17.18 4.26
CA SER A 20 25.37 -17.44 5.39
CA SER A 20 25.38 -17.43 5.39
C SER A 20 24.20 -18.32 4.98
N PHE A 21 23.63 -18.02 3.82
CA PHE A 21 22.60 -18.88 3.25
C PHE A 21 23.07 -20.32 3.10
N THR A 22 24.27 -20.51 2.55
CA THR A 22 24.78 -21.85 2.39
C THR A 22 24.99 -22.57 3.74
N LYS A 23 25.46 -21.84 4.74
CA LYS A 23 25.64 -22.44 6.03
C LYS A 23 24.25 -22.91 6.60
N LYS A 24 23.22 -22.09 6.40
CA LYS A 24 21.90 -22.33 6.99
C LYS A 24 21.12 -23.42 6.26
N THR A 25 21.35 -23.55 4.96
CA THR A 25 20.50 -24.39 4.13
C THR A 25 21.23 -25.53 3.45
N GLY A 26 22.56 -25.46 3.41
CA GLY A 26 23.37 -26.40 2.65
C GLY A 26 23.46 -26.12 1.16
N LEU A 27 22.77 -25.08 0.67
CA LEU A 27 22.71 -24.81 -0.76
C LEU A 27 23.78 -23.79 -1.18
N LYS A 28 24.58 -24.18 -2.15
CA LYS A 28 25.52 -23.26 -2.78
C LYS A 28 24.79 -22.25 -3.66
N VAL A 29 25.32 -21.02 -3.71
CA VAL A 29 24.78 -20.01 -4.61
C VAL A 29 25.75 -19.84 -5.79
N ASN A 30 25.29 -20.20 -6.97
CA ASN A 30 26.05 -19.91 -8.23
C ASN A 30 25.52 -18.62 -8.79
N LEU A 31 26.42 -17.64 -8.92
CA LEU A 31 26.04 -16.28 -9.36
C LEU A 31 26.31 -16.14 -10.85
N ILE A 32 25.29 -15.70 -11.59
CA ILE A 32 25.37 -15.33 -12.99
C ILE A 32 24.98 -13.86 -13.03
N GLU A 33 25.89 -12.99 -13.45
CA GLU A 33 25.64 -11.54 -13.53
C GLU A 33 25.36 -11.10 -14.96
N GLY A 34 24.60 -10.02 -15.05
CA GLY A 34 24.36 -9.31 -16.32
C GLY A 34 23.49 -8.12 -16.02
N LYS A 35 23.31 -7.25 -17.00
CA LYS A 35 22.39 -6.14 -16.89
C LYS A 35 20.99 -6.67 -16.79
N GLY A 36 20.10 -5.93 -16.16
CA GLY A 36 18.79 -6.48 -15.93
C GLY A 36 18.02 -6.82 -17.18
N ASP A 37 18.05 -5.90 -18.16
CA ASP A 37 17.30 -6.14 -19.38
C ASP A 37 17.90 -7.32 -20.13
N LYS A 38 19.24 -7.39 -20.11
CA LYS A 38 19.96 -8.47 -20.81
C LYS A 38 19.67 -9.82 -20.14
N LEU A 39 19.58 -9.86 -18.83
CA LEU A 39 19.25 -11.10 -18.15
C LEU A 39 17.88 -11.61 -18.47
N ILE A 40 16.88 -10.72 -18.62
CA ILE A 40 15.56 -11.14 -19.02
C ILE A 40 15.63 -11.82 -20.38
N GLU A 41 16.34 -11.17 -21.31
CA GLU A 41 16.46 -11.72 -22.66
CA GLU A 41 16.46 -11.73 -22.65
C GLU A 41 17.19 -13.06 -22.64
N ARG A 42 18.21 -13.15 -21.77
CA ARG A 42 18.97 -14.37 -21.61
C ARG A 42 18.10 -15.53 -21.11
N ILE A 43 17.35 -15.29 -20.06
CA ILE A 43 16.48 -16.32 -19.51
C ILE A 43 15.41 -16.71 -20.54
N LYS A 44 14.84 -15.72 -21.24
CA LYS A 44 13.82 -15.98 -22.27
C LYS A 44 14.39 -16.91 -23.38
N SER A 45 15.62 -16.61 -23.83
CA SER A 45 16.27 -17.36 -24.92
CA SER A 45 16.26 -17.36 -24.92
C SER A 45 16.70 -18.74 -24.44
N GLU A 46 17.14 -18.86 -23.17
CA GLU A 46 17.47 -20.15 -22.60
C GLU A 46 16.25 -21.05 -22.50
N GLY A 47 15.08 -20.43 -22.38
CA GLY A 47 13.77 -21.10 -22.36
C GLY A 47 13.58 -22.11 -21.24
N ALA A 48 12.87 -23.17 -21.64
N ALA A 48 12.88 -23.20 -21.52
CA ALA A 48 12.81 -24.43 -20.94
CA ALA A 48 12.43 -24.09 -20.43
C ALA A 48 14.17 -25.02 -20.58
C ALA A 48 13.57 -24.80 -19.71
N ASN A 49 15.27 -24.69 -21.26
N ASN A 49 14.68 -25.00 -20.40
CA ASN A 49 16.55 -25.23 -20.81
CA ASN A 49 15.85 -25.65 -19.85
C ASN A 49 17.28 -24.42 -19.70
C ASN A 49 16.85 -24.72 -19.17
N SER A 50 16.62 -23.39 -19.17
CA SER A 50 17.40 -22.45 -18.39
C SER A 50 17.76 -23.07 -17.04
N PRO A 51 19.03 -22.96 -16.61
CA PRO A 51 19.37 -23.31 -15.24
C PRO A 51 18.94 -22.27 -14.18
N ALA A 52 18.46 -21.10 -14.58
CA ALA A 52 18.14 -20.05 -13.63
C ALA A 52 17.08 -20.49 -12.63
N ASP A 53 17.38 -20.27 -11.34
CA ASP A 53 16.45 -20.52 -10.24
C ASP A 53 15.82 -19.25 -9.75
N VAL A 54 16.64 -18.22 -9.53
CA VAL A 54 16.20 -16.95 -9.02
C VAL A 54 16.69 -15.84 -9.97
N PHE A 55 15.81 -14.88 -10.24
CA PHE A 55 16.14 -13.69 -11.03
C PHE A 55 16.00 -12.52 -10.10
N MET A 56 17.07 -11.69 -10.03
CA MET A 56 17.01 -10.48 -9.27
C MET A 56 17.48 -9.29 -10.10
N THR A 57 16.77 -8.18 -9.92
CA THR A 57 17.09 -6.95 -10.62
C THR A 57 16.56 -5.79 -9.87
N VAL A 58 16.61 -4.61 -10.49
CA VAL A 58 16.04 -3.43 -9.89
C VAL A 58 14.92 -2.84 -10.73
N ASP A 59 13.98 -2.24 -10.05
CA ASP A 59 12.86 -1.45 -10.56
C ASP A 59 11.66 -2.36 -10.86
N ALA A 60 10.53 -2.04 -10.20
CA ALA A 60 9.33 -2.78 -10.49
C ALA A 60 8.94 -2.75 -11.96
N GLY A 61 9.31 -1.68 -12.69
CA GLY A 61 9.02 -1.61 -14.09
C GLY A 61 9.71 -2.74 -14.84
N ARG A 62 10.95 -3.04 -14.44
CA ARG A 62 11.71 -4.11 -15.06
C ARG A 62 11.20 -5.49 -14.63
N LEU A 63 10.84 -5.62 -13.36
CA LEU A 63 10.26 -6.88 -12.87
C LEU A 63 8.95 -7.17 -13.61
N TRP A 64 8.15 -6.15 -13.86
CA TRP A 64 6.92 -6.30 -14.67
CA TRP A 64 6.93 -6.31 -14.65
C TRP A 64 7.24 -6.78 -16.07
N ARG A 65 8.27 -6.20 -16.70
CA ARG A 65 8.68 -6.68 -18.02
CA ARG A 65 8.72 -6.67 -18.02
C ARG A 65 9.06 -8.18 -17.98
N ALA A 66 9.79 -8.58 -16.92
CA ALA A 66 10.14 -10.00 -16.72
C ALA A 66 8.88 -10.86 -16.64
N GLN A 67 7.93 -10.39 -15.83
CA GLN A 67 6.70 -11.14 -15.66
C GLN A 67 5.97 -11.27 -17.01
N GLU A 68 5.93 -10.20 -17.81
CA GLU A 68 5.23 -10.25 -19.08
CA GLU A 68 5.22 -10.25 -19.08
C GLU A 68 5.98 -11.08 -20.12
N ALA A 69 7.27 -11.27 -19.94
CA ALA A 69 8.08 -12.21 -20.75
C ALA A 69 7.85 -13.67 -20.40
N GLY A 70 7.11 -13.94 -19.31
CA GLY A 70 6.75 -15.30 -18.94
C GLY A 70 7.86 -16.04 -18.26
N ILE A 71 8.86 -15.35 -17.71
CA ILE A 71 10.03 -16.04 -17.13
C ILE A 71 9.95 -16.31 -15.62
N LEU A 72 8.85 -15.91 -14.99
CA LEU A 72 8.68 -16.07 -13.53
C LEU A 72 7.54 -17.03 -13.20
N GLN A 73 7.59 -17.61 -12.02
CA GLN A 73 6.47 -18.44 -11.50
C GLN A 73 6.00 -17.89 -10.15
N PRO A 74 4.70 -17.96 -9.86
CA PRO A 74 4.20 -17.42 -8.62
C PRO A 74 4.54 -18.24 -7.40
N ILE A 75 4.79 -17.57 -6.29
CA ILE A 75 5.19 -18.27 -5.05
C ILE A 75 4.27 -17.77 -3.95
N SER A 76 3.71 -18.73 -3.20
CA SER A 76 2.91 -18.40 -1.99
C SER A 76 3.66 -18.81 -0.75
N SER A 77 4.12 -17.85 0.00
CA SER A 77 4.89 -18.02 1.22
C SER A 77 4.41 -17.09 2.29
N SER A 78 4.03 -17.65 3.44
CA SER A 78 3.67 -16.89 4.62
CA SER A 78 3.66 -16.86 4.58
C SER A 78 4.76 -15.91 4.99
N THR A 79 5.99 -16.40 4.94
CA THR A 79 7.13 -15.60 5.32
C THR A 79 7.29 -14.38 4.36
N LEU A 80 7.27 -14.65 3.04
CA LEU A 80 7.38 -13.51 2.10
C LEU A 80 6.23 -12.56 2.29
N ASN A 81 5.00 -13.05 2.40
CA ASN A 81 3.90 -12.15 2.41
C ASN A 81 3.80 -11.37 3.69
N ASN A 82 4.10 -12.03 4.84
CA ASN A 82 4.07 -11.32 6.11
C ASN A 82 5.19 -10.28 6.19
N LYS A 83 6.38 -10.65 5.76
CA LYS A 83 7.54 -9.79 6.00
C LYS A 83 7.70 -8.68 4.95
N ILE A 84 7.23 -8.93 3.72
CA ILE A 84 7.34 -7.92 2.67
C ILE A 84 6.06 -7.14 2.59
N PRO A 85 6.12 -5.80 2.73
CA PRO A 85 4.90 -4.99 2.64
C PRO A 85 4.16 -5.27 1.34
N ALA A 86 2.84 -5.33 1.39
CA ALA A 86 2.06 -5.67 0.22
C ALA A 86 2.35 -4.78 -0.99
N ASN A 87 2.61 -3.52 -0.73
CA ASN A 87 2.86 -2.55 -1.82
C ASN A 87 4.17 -2.81 -2.54
N LEU A 88 5.06 -3.60 -1.93
CA LEU A 88 6.38 -3.86 -2.50
C LEU A 88 6.53 -5.26 -3.09
N ARG A 89 5.40 -5.93 -3.34
CA ARG A 89 5.41 -7.24 -3.96
C ARG A 89 4.28 -7.31 -5.02
N SER A 90 4.51 -8.14 -6.02
CA SER A 90 3.58 -8.33 -7.10
C SER A 90 2.24 -8.80 -6.53
N PRO A 91 1.10 -8.20 -6.94
CA PRO A 91 -0.19 -8.75 -6.52
C PRO A 91 -0.38 -10.21 -6.90
N GLU A 92 0.28 -10.65 -7.98
CA GLU A 92 0.19 -12.00 -8.48
CA GLU A 92 0.18 -12.00 -8.46
C GLU A 92 1.29 -12.90 -7.96
N LYS A 93 2.11 -12.40 -7.03
CA LYS A 93 3.11 -13.21 -6.34
C LYS A 93 4.23 -13.67 -7.28
N LEU A 94 4.47 -12.91 -8.36
CA LEU A 94 5.51 -13.28 -9.35
C LEU A 94 6.89 -12.74 -8.96
N TRP A 95 6.95 -11.70 -8.14
CA TRP A 95 8.20 -11.09 -7.76
C TRP A 95 7.93 -10.29 -6.47
N PHE A 96 9.03 -9.95 -5.82
CA PHE A 96 9.02 -9.46 -4.45
C PHE A 96 10.14 -8.48 -4.26
N GLY A 97 9.86 -7.39 -3.53
CA GLY A 97 10.94 -6.47 -3.19
C GLY A 97 11.72 -6.92 -1.96
N PHE A 98 13.03 -6.72 -2.04
CA PHE A 98 13.93 -7.06 -0.95
C PHE A 98 14.72 -5.89 -0.39
N SER A 99 14.88 -4.80 -1.17
CA SER A 99 15.33 -3.52 -0.62
C SER A 99 14.54 -2.46 -1.36
N LYS A 100 14.56 -1.25 -0.80
CA LYS A 100 13.72 -0.13 -1.23
CA LYS A 100 13.80 -0.18 -1.41
C LYS A 100 14.60 1.09 -1.52
N ARG A 101 14.25 1.80 -2.60
CA ARG A 101 14.84 3.09 -2.97
C ARG A 101 13.74 4.10 -3.10
N ALA A 102 14.08 5.38 -2.95
CA ALA A 102 13.12 6.46 -3.14
C ALA A 102 13.62 7.36 -4.25
N ARG A 103 12.71 7.83 -5.11
CA ARG A 103 13.07 8.82 -6.13
C ARG A 103 12.73 10.18 -5.56
N VAL A 104 13.79 10.94 -5.25
CA VAL A 104 13.69 12.10 -4.41
C VAL A 104 14.16 13.38 -5.12
N ILE A 105 13.87 14.51 -4.46
CA ILE A 105 14.44 15.79 -4.92
C ILE A 105 15.79 16.00 -4.26
N MET A 106 16.84 15.99 -5.07
CA MET A 106 18.19 16.37 -4.72
C MET A 106 18.27 17.88 -4.85
N TYR A 107 18.78 18.59 -3.85
CA TYR A 107 18.79 20.05 -3.94
C TYR A 107 20.12 20.59 -3.51
N ASN A 108 20.47 21.74 -4.08
CA ASN A 108 21.68 22.46 -3.72
C ASN A 108 21.39 23.17 -2.40
N LYS A 109 22.11 22.81 -1.35
CA LYS A 109 21.77 23.32 -0.01
C LYS A 109 21.99 24.83 0.13
N ASN A 110 22.98 25.38 -0.57
CA ASN A 110 23.18 26.81 -0.51
C ASN A 110 22.06 27.59 -1.16
N LYS A 111 21.49 27.05 -2.24
CA LYS A 111 20.47 27.73 -3.04
C LYS A 111 19.04 27.45 -2.60
N VAL A 112 18.80 26.29 -1.97
CA VAL A 112 17.45 25.80 -1.72
C VAL A 112 17.36 25.32 -0.27
N GLN A 113 16.34 25.76 0.45
CA GLN A 113 16.01 25.24 1.74
C GLN A 113 14.82 24.28 1.62
N PRO A 114 14.78 23.22 2.46
CA PRO A 114 13.70 22.24 2.36
C PRO A 114 12.29 22.83 2.42
N SER A 115 12.12 23.94 3.15
CA SER A 115 10.83 24.61 3.21
C SER A 115 10.31 25.11 1.87
N GLU A 116 11.21 25.23 0.88
CA GLU A 116 10.85 25.61 -0.47
C GLU A 116 10.29 24.45 -1.29
N LEU A 117 10.42 23.23 -0.79
CA LEU A 117 10.07 22.01 -1.52
C LEU A 117 8.80 21.44 -0.89
N SER A 118 8.06 20.69 -1.71
CA SER A 118 6.83 20.11 -1.20
C SER A 118 6.53 18.81 -1.92
N THR A 119 6.08 18.87 -3.15
CA THR A 119 5.59 17.73 -3.91
C THR A 119 6.28 17.56 -5.24
N TYR A 120 6.08 16.41 -5.86
CA TYR A 120 6.44 16.25 -7.25
C TYR A 120 5.69 17.23 -8.14
N GLU A 121 4.41 17.43 -7.84
CA GLU A 121 3.56 18.26 -8.64
C GLU A 121 4.06 19.70 -8.72
N ASP A 122 4.60 20.18 -7.58
CA ASP A 122 5.11 21.55 -7.51
C ASP A 122 6.26 21.78 -8.45
N LEU A 123 6.94 20.74 -8.92
CA LEU A 123 8.08 20.89 -9.80
C LEU A 123 7.71 21.41 -11.19
N ALA A 124 6.39 21.40 -11.53
CA ALA A 124 5.94 22.01 -12.77
C ALA A 124 5.69 23.51 -12.66
N GLN A 125 5.80 24.09 -11.47
CA GLN A 125 5.52 25.52 -11.27
C GLN A 125 6.63 26.38 -11.91
N ASN A 126 6.23 27.58 -12.36
CA ASN A 126 7.18 28.45 -13.11
C ASN A 126 8.35 28.91 -12.29
N LYS A 127 8.23 28.93 -10.96
CA LYS A 127 9.35 29.34 -10.12
C LYS A 127 10.60 28.50 -10.34
N TRP A 128 10.44 27.26 -10.87
CA TRP A 128 11.60 26.40 -11.08
C TRP A 128 12.21 26.55 -12.50
N LYS A 129 11.79 27.54 -13.27
CA LYS A 129 12.28 27.65 -14.62
C LYS A 129 13.79 27.80 -14.62
N GLY A 130 14.45 27.02 -15.47
CA GLY A 130 15.90 27.05 -15.61
C GLY A 130 16.64 26.34 -14.49
N LYS A 131 15.95 25.64 -13.58
CA LYS A 131 16.58 25.16 -12.36
C LYS A 131 16.59 23.67 -12.18
N ILE A 132 15.97 22.87 -13.04
CA ILE A 132 15.83 21.44 -12.79
C ILE A 132 16.77 20.65 -13.69
N VAL A 133 17.44 19.64 -13.15
CA VAL A 133 18.18 18.68 -13.93
C VAL A 133 17.61 17.28 -13.69
N ILE A 134 17.52 16.47 -14.73
CA ILE A 134 17.08 15.11 -14.69
C ILE A 134 17.60 14.36 -15.91
N ARG A 135 17.82 13.05 -15.74
CA ARG A 135 18.28 12.22 -16.84
C ARG A 135 17.19 11.92 -17.88
N SER A 136 17.57 11.21 -18.92
CA SER A 136 16.74 10.86 -20.05
CA SER A 136 16.67 11.01 -20.01
C SER A 136 15.47 10.16 -19.72
N SER A 137 14.52 10.25 -20.61
CA SER A 137 13.29 9.52 -20.52
C SER A 137 13.47 8.04 -20.82
N SER A 138 14.61 7.65 -21.35
CA SER A 138 14.86 6.23 -21.59
CA SER A 138 14.91 6.24 -21.59
C SER A 138 15.20 5.45 -20.33
N ASN A 139 15.38 6.12 -19.21
CA ASN A 139 15.70 5.46 -17.96
C ASN A 139 14.47 4.92 -17.22
N ILE A 140 14.56 3.68 -16.77
CA ILE A 140 13.45 3.03 -16.10
C ILE A 140 13.00 3.76 -14.82
N TYR A 141 13.91 4.34 -14.05
CA TYR A 141 13.52 4.97 -12.81
C TYR A 141 12.57 6.13 -13.08
N ASN A 142 12.89 6.90 -14.14
CA ASN A 142 12.02 7.99 -14.57
C ASN A 142 10.70 7.45 -15.12
N GLN A 143 10.76 6.41 -15.95
CA GLN A 143 9.54 5.84 -16.47
C GLN A 143 8.58 5.43 -15.33
N SER A 144 9.15 4.82 -14.27
CA SER A 144 8.32 4.37 -13.15
C SER A 144 7.72 5.54 -12.39
N LEU A 145 8.50 6.60 -12.18
CA LEU A 145 7.95 7.77 -11.52
C LEU A 145 6.84 8.39 -12.34
N ILE A 146 7.05 8.56 -13.64
CA ILE A 146 6.00 9.17 -14.47
C ILE A 146 4.79 8.26 -14.55
N ALA A 147 5.02 6.95 -14.61
CA ALA A 147 3.87 6.02 -14.53
C ALA A 147 3.04 6.26 -13.28
N SER A 148 3.73 6.46 -12.14
CA SER A 148 2.98 6.72 -10.92
C SER A 148 2.12 7.98 -11.02
N LEU A 149 2.64 9.01 -11.70
CA LEU A 149 1.92 10.27 -11.82
C LEU A 149 0.71 10.11 -12.78
N ILE A 150 0.87 9.29 -13.80
CA ILE A 150 -0.26 9.01 -14.70
C ILE A 150 -1.33 8.25 -13.97
N GLU A 151 -0.93 7.28 -13.14
CA GLU A 151 -1.93 6.55 -12.30
C GLU A 151 -2.72 7.49 -11.42
N ILE A 152 -2.06 8.40 -10.74
CA ILE A 152 -2.77 9.34 -9.90
C ILE A 152 -3.65 10.26 -10.73
N HIS A 153 -3.02 10.97 -11.69
CA HIS A 153 -3.63 12.16 -12.27
C HIS A 153 -4.45 11.90 -13.53
N GLY A 154 -4.22 10.78 -14.18
CA GLY A 154 -4.73 10.54 -15.52
C GLY A 154 -3.83 11.20 -16.53
N MET A 155 -3.97 10.79 -17.77
CA MET A 155 -3.07 11.26 -18.82
CA MET A 155 -3.06 11.26 -18.81
C MET A 155 -3.16 12.77 -19.06
N SER A 156 -4.37 13.34 -19.07
CA SER A 156 -4.49 14.77 -19.36
C SER A 156 -3.83 15.65 -18.31
N ASP A 157 -4.14 15.40 -17.05
CA ASP A 157 -3.58 16.17 -15.94
C ASP A 157 -2.07 15.89 -15.84
N ALA A 158 -1.64 14.63 -16.06
CA ALA A 158 -0.23 14.35 -16.02
C ALA A 158 0.55 15.01 -17.14
N GLU A 159 -0.07 15.12 -18.30
CA GLU A 159 0.59 15.80 -19.42
C GLU A 159 0.75 17.28 -19.14
N GLY A 160 -0.23 17.92 -18.52
CA GLY A 160 -0.10 19.29 -18.10
C GLY A 160 1.10 19.44 -17.19
N TRP A 161 1.22 18.56 -16.21
CA TRP A 161 2.36 18.59 -15.29
C TRP A 161 3.66 18.43 -16.07
N ALA A 162 3.72 17.42 -16.93
CA ALA A 162 4.96 17.09 -17.58
C ALA A 162 5.43 18.24 -18.49
N LYS A 163 4.48 18.91 -19.16
CA LYS A 163 4.85 20.08 -19.98
C LYS A 163 5.53 21.15 -19.11
N GLY A 164 4.96 21.43 -17.95
CA GLY A 164 5.56 22.41 -17.07
C GLY A 164 6.91 21.97 -16.56
N PHE A 165 6.99 20.70 -16.17
CA PHE A 165 8.25 20.12 -15.71
C PHE A 165 9.38 20.21 -16.72
N VAL A 166 9.10 19.76 -17.94
CA VAL A 166 10.09 19.83 -19.00
C VAL A 166 10.51 21.27 -19.27
N ARG A 167 9.55 22.19 -19.22
CA ARG A 167 9.84 23.62 -19.40
CA ARG A 167 9.85 23.61 -19.41
C ARG A 167 10.85 24.14 -18.43
N ASN A 168 10.96 23.48 -17.28
CA ASN A 168 11.86 23.90 -16.21
C ASN A 168 13.25 23.31 -16.28
N PHE A 169 13.53 22.49 -17.27
CA PHE A 169 14.87 21.88 -17.37
C PHE A 169 15.93 22.94 -17.59
N ALA A 170 17.00 22.86 -16.82
CA ALA A 170 18.11 23.77 -16.95
C ALA A 170 18.95 23.45 -18.20
N ARG A 171 18.94 22.19 -18.64
CA ARG A 171 19.71 21.73 -19.77
C ARG A 171 19.00 20.48 -20.28
N PRO A 172 19.26 20.05 -21.51
CA PRO A 172 18.70 18.78 -21.98
C PRO A 172 19.21 17.65 -21.09
N PRO A 173 18.37 16.64 -20.85
CA PRO A 173 18.84 15.46 -20.09
C PRO A 173 20.16 14.94 -20.56
N GLU A 174 21.08 14.82 -19.61
CA GLU A 174 22.45 14.41 -19.95
C GLU A 174 23.01 13.68 -18.74
N GLY A 175 23.55 12.49 -18.98
CA GLY A 175 24.17 11.74 -17.94
C GLY A 175 23.22 10.93 -17.06
N ASN A 176 23.78 10.21 -16.11
CA ASN A 176 23.03 9.31 -15.25
C ASN A 176 22.54 9.99 -13.98
N ASP A 177 22.02 9.25 -12.99
CA ASP A 177 21.50 9.93 -11.81
C ASP A 177 22.57 10.64 -11.05
N THR A 178 23.74 9.99 -10.93
CA THR A 178 24.86 10.64 -10.26
C THR A 178 25.27 11.94 -10.94
N ALA A 179 25.22 11.94 -12.28
CA ALA A 179 25.51 13.16 -13.00
C ALA A 179 24.58 14.31 -12.66
N GLN A 180 23.33 13.99 -12.37
CA GLN A 180 22.41 15.03 -11.97
C GLN A 180 22.77 15.62 -10.62
N ILE A 181 23.15 14.74 -9.67
CA ILE A 181 23.57 15.22 -8.37
C ILE A 181 24.80 16.15 -8.52
N LYS A 182 25.76 15.73 -9.37
CA LYS A 182 26.93 16.54 -9.60
CA LYS A 182 26.93 16.55 -9.60
C LYS A 182 26.56 17.90 -10.20
N ALA A 183 25.59 17.91 -11.11
CA ALA A 183 25.16 19.16 -11.77
C ALA A 183 24.47 20.10 -10.75
N VAL A 184 23.70 19.52 -9.80
CA VAL A 184 23.14 20.29 -8.75
C VAL A 184 24.21 20.91 -7.84
N ALA A 185 25.21 20.11 -7.46
CA ALA A 185 26.32 20.64 -6.68
C ALA A 185 27.03 21.80 -7.38
N ALA A 186 27.21 21.65 -8.70
CA ALA A 186 27.96 22.63 -9.48
C ALA A 186 27.15 23.87 -9.83
N GLY A 187 25.85 23.90 -9.55
CA GLY A 187 25.05 25.08 -9.86
C GLY A 187 24.42 25.09 -11.23
N ILE A 188 24.55 24.00 -11.98
CA ILE A 188 23.93 23.87 -13.29
C ILE A 188 22.42 23.81 -13.11
N GLY A 189 21.98 23.12 -12.08
CA GLY A 189 20.64 23.16 -11.62
C GLY A 189 20.62 23.42 -10.12
N ASP A 190 19.45 23.85 -9.60
CA ASP A 190 19.27 23.96 -8.18
C ASP A 190 18.65 22.71 -7.55
N ILE A 191 17.88 21.99 -8.35
CA ILE A 191 17.22 20.74 -7.95
C ILE A 191 17.29 19.74 -9.05
N GLY A 192 17.21 18.47 -8.65
CA GLY A 192 17.14 17.41 -9.59
C GLY A 192 16.39 16.23 -9.04
N LEU A 193 16.07 15.26 -9.88
CA LEU A 193 15.48 14.01 -9.38
CA LEU A 193 15.47 14.01 -9.38
C LEU A 193 16.49 12.90 -9.55
N ALA A 194 16.65 12.09 -8.52
CA ALA A 194 17.53 10.93 -8.53
C ALA A 194 17.15 10.00 -7.42
N ASN A 195 17.64 8.77 -7.48
CA ASN A 195 17.39 7.82 -6.40
C ASN A 195 18.24 8.12 -5.18
N SER A 196 17.62 7.90 -4.01
CA SER A 196 18.22 8.16 -2.71
C SER A 196 19.63 7.62 -2.54
N TYR A 197 19.83 6.37 -3.01
CA TYR A 197 21.08 5.67 -2.73
C TYR A 197 22.26 6.31 -3.47
N TYR A 198 22.01 7.08 -4.53
CA TYR A 198 23.16 7.69 -5.21
C TYR A 198 23.77 8.81 -4.38
N LEU A 199 23.00 9.51 -3.56
CA LEU A 199 23.60 10.54 -2.67
C LEU A 199 24.41 9.83 -1.59
N ALA A 200 23.83 8.77 -1.03
CA ALA A 200 24.54 7.98 -0.02
C ALA A 200 25.83 7.39 -0.56
N ARG A 201 25.83 6.95 -1.81
CA ARG A 201 27.03 6.39 -2.41
C ARG A 201 28.16 7.45 -2.45
N LEU A 202 27.81 8.67 -2.83
CA LEU A 202 28.76 9.77 -2.86
C LEU A 202 29.26 10.11 -1.48
N LYS A 203 28.37 10.10 -0.48
CA LYS A 203 28.74 10.36 0.90
C LYS A 203 29.79 9.39 1.42
N ARG A 204 29.70 8.14 0.99
CA ARG A 204 30.56 7.08 1.43
C ARG A 204 31.84 6.97 0.60
N SER A 205 31.93 7.67 -0.50
CA SER A 205 33.10 7.57 -1.36
C SER A 205 34.37 8.06 -0.63
N SER A 206 35.51 7.50 -1.02
CA SER A 206 36.82 7.97 -0.57
CA SER A 206 36.79 7.99 -0.54
C SER A 206 37.41 8.99 -1.52
N LYS A 207 36.72 9.27 -2.63
CA LYS A 207 37.24 10.23 -3.57
C LYS A 207 36.86 11.64 -3.09
N PRO A 208 37.84 12.52 -2.88
CA PRO A 208 37.51 13.86 -2.38
C PRO A 208 36.46 14.61 -3.22
N GLU A 209 36.51 14.45 -4.53
CA GLU A 209 35.59 15.16 -5.38
CA GLU A 209 35.57 15.16 -5.37
C GLU A 209 34.14 14.66 -5.15
N ASP A 210 33.98 13.38 -4.88
CA ASP A 210 32.63 12.81 -4.61
C ASP A 210 32.11 13.33 -3.25
N GLN A 211 32.99 13.36 -2.25
CA GLN A 211 32.63 13.87 -0.92
C GLN A 211 32.21 15.34 -1.00
N ALA A 212 32.91 16.12 -1.84
CA ALA A 212 32.61 17.54 -1.93
C ALA A 212 31.21 17.74 -2.58
N VAL A 213 30.87 16.90 -3.55
CA VAL A 213 29.52 16.95 -4.15
C VAL A 213 28.46 16.60 -3.08
N ALA A 214 28.70 15.53 -2.32
CA ALA A 214 27.73 15.13 -1.27
C ALA A 214 27.56 16.19 -0.20
N ASP A 215 28.62 16.93 0.09
CA ASP A 215 28.55 18.01 1.07
C ASP A 215 27.65 19.16 0.61
N LYS A 216 27.45 19.32 -0.68
CA LYS A 216 26.72 20.42 -1.26
C LYS A 216 25.24 20.14 -1.55
N VAL A 217 24.87 18.85 -1.48
CA VAL A 217 23.56 18.38 -2.01
C VAL A 217 22.79 17.69 -0.89
N GLY A 218 21.55 18.12 -0.67
CA GLY A 218 20.63 17.45 0.25
C GLY A 218 19.62 16.61 -0.51
N MET A 219 18.86 15.83 0.28
CA MET A 219 17.73 15.12 -0.35
CA MET A 219 17.79 14.96 -0.21
C MET A 219 16.48 15.31 0.43
N PHE A 220 15.40 15.46 -0.35
CA PHE A 220 14.08 15.80 0.14
C PHE A 220 13.10 14.75 -0.34
N PHE A 221 12.34 14.22 0.64
CA PHE A 221 11.35 13.17 0.36
C PHE A 221 10.01 13.85 0.09
N PRO A 222 9.49 13.80 -1.17
CA PRO A 222 8.33 14.65 -1.46
C PRO A 222 6.99 14.06 -1.03
N ASN A 223 6.00 14.93 -1.00
CA ASN A 223 4.59 14.58 -0.81
C ASN A 223 4.32 14.02 0.61
N GLN A 224 5.07 14.49 1.60
CA GLN A 224 4.89 14.01 2.97
C GLN A 224 3.59 14.42 3.59
N ASN A 225 2.99 15.53 3.15
CA ASN A 225 1.70 15.99 3.67
C ASN A 225 0.53 15.40 2.90
N GLY A 226 0.83 14.56 1.92
CA GLY A 226 -0.20 13.95 1.11
C GLY A 226 0.05 12.46 1.01
N ARG A 227 0.20 11.96 -0.21
CA ARG A 227 0.22 10.52 -0.44
C ARG A 227 1.51 9.83 -0.03
N GLY A 228 2.61 10.58 0.14
CA GLY A 228 3.91 10.01 0.44
C GLY A 228 4.85 9.97 -0.75
N THR A 229 6.09 9.58 -0.45
CA THR A 229 7.15 9.56 -1.44
C THR A 229 7.08 8.34 -2.34
N HIS A 230 7.46 8.52 -3.59
CA HIS A 230 7.58 7.43 -4.53
C HIS A 230 8.72 6.53 -4.17
N VAL A 231 8.39 5.29 -3.85
CA VAL A 231 9.39 4.27 -3.55
C VAL A 231 9.34 3.17 -4.59
N ASN A 232 10.48 2.52 -4.80
CA ASN A 232 10.61 1.45 -5.76
C ASN A 232 11.57 0.44 -5.15
N ILE A 233 11.79 -0.67 -5.87
CA ILE A 233 12.42 -1.84 -5.26
C ILE A 233 13.60 -2.35 -6.04
N SER A 234 14.51 -2.98 -5.28
CA SER A 234 15.36 -4.06 -5.77
C SER A 234 14.64 -5.36 -5.45
N GLY A 235 14.45 -6.26 -6.40
CA GLY A 235 13.62 -7.40 -6.14
C GLY A 235 13.91 -8.59 -6.97
N GLY A 236 13.09 -9.63 -6.79
CA GLY A 236 13.36 -10.84 -7.48
C GLY A 236 12.23 -11.81 -7.40
N GLY A 237 12.39 -12.86 -8.15
CA GLY A 237 11.39 -13.92 -8.17
C GLY A 237 12.00 -15.25 -8.55
N VAL A 238 11.21 -16.30 -8.39
CA VAL A 238 11.61 -17.64 -8.81
C VAL A 238 11.31 -17.79 -10.31
N VAL A 239 12.31 -18.29 -11.03
CA VAL A 239 12.20 -18.44 -12.48
C VAL A 239 11.29 -19.60 -12.85
N LYS A 240 10.56 -19.44 -13.95
CA LYS A 240 9.56 -20.35 -14.45
C LYS A 240 9.99 -21.75 -14.46
N ASN A 241 11.17 -22.03 -14.97
CA ASN A 241 11.45 -23.51 -15.00
C ASN A 241 12.51 -23.94 -14.00
N ALA A 242 12.59 -23.26 -12.87
CA ALA A 242 13.71 -23.40 -11.95
C ALA A 242 13.99 -24.85 -11.69
N PRO A 243 15.27 -25.27 -11.84
CA PRO A 243 15.59 -26.67 -11.54
C PRO A 243 15.56 -26.98 -10.05
N ASN A 244 15.77 -25.98 -9.23
CA ASN A 244 15.70 -26.12 -7.77
C ASN A 244 14.70 -25.11 -7.20
N LYS A 245 13.43 -25.35 -7.46
CA LYS A 245 12.40 -24.44 -6.96
C LYS A 245 12.39 -24.35 -5.42
N GLU A 246 12.53 -25.49 -4.72
CA GLU A 246 12.53 -25.43 -3.25
CA GLU A 246 12.55 -25.48 -3.25
C GLU A 246 13.67 -24.59 -2.73
N GLY A 247 14.85 -24.74 -3.33
CA GLY A 247 15.98 -23.96 -2.92
C GLY A 247 15.79 -22.48 -3.24
N ALA A 248 15.15 -22.21 -4.36
CA ALA A 248 14.87 -20.83 -4.78
C ALA A 248 13.98 -20.15 -3.75
N ILE A 249 12.93 -20.86 -3.32
CA ILE A 249 12.05 -20.33 -2.31
C ILE A 249 12.79 -20.10 -1.00
N LYS A 250 13.61 -21.07 -0.60
CA LYS A 250 14.41 -20.87 0.60
C LYS A 250 15.29 -19.62 0.52
N PHE A 251 15.87 -19.36 -0.66
CA PHE A 251 16.68 -18.16 -0.82
C PHE A 251 15.88 -16.88 -0.67
N LEU A 252 14.73 -16.82 -1.34
CA LEU A 252 13.91 -15.64 -1.16
C LEU A 252 13.47 -15.41 0.31
N GLU A 253 13.11 -16.52 0.97
CA GLU A 253 12.73 -16.43 2.38
C GLU A 253 13.90 -15.96 3.23
N TYR A 254 15.09 -16.50 2.94
CA TYR A 254 16.28 -16.08 3.69
C TYR A 254 16.51 -14.57 3.53
N LEU A 255 16.25 -14.04 2.35
CA LEU A 255 16.49 -12.59 2.09
C LEU A 255 15.68 -11.67 2.97
N VAL A 256 14.53 -12.13 3.54
CA VAL A 256 13.75 -11.28 4.43
C VAL A 256 14.16 -11.40 5.88
N SER A 257 15.12 -12.28 6.19
CA SER A 257 15.64 -12.36 7.55
C SER A 257 16.31 -11.04 7.96
N PRO A 258 16.33 -10.71 9.24
CA PRO A 258 16.96 -9.40 9.59
C PRO A 258 18.41 -9.30 9.19
N GLU A 259 19.16 -10.37 9.28
CA GLU A 259 20.59 -10.38 8.92
CA GLU A 259 20.57 -10.26 8.97
C GLU A 259 20.75 -10.06 7.44
N ALA A 260 20.00 -10.80 6.64
CA ALA A 260 20.13 -10.65 5.20
C ALA A 260 19.60 -9.28 4.75
N GLN A 261 18.51 -8.81 5.37
CA GLN A 261 18.00 -7.49 5.03
C GLN A 261 19.04 -6.41 5.24
N LYS A 262 19.77 -6.47 6.34
CA LYS A 262 20.82 -5.49 6.58
C LYS A 262 21.88 -5.56 5.49
N ILE A 263 22.41 -6.76 5.29
CA ILE A 263 23.53 -6.91 4.33
C ILE A 263 23.11 -6.48 2.93
N PHE A 264 21.98 -7.00 2.48
CA PHE A 264 21.50 -6.75 1.13
C PHE A 264 21.17 -5.27 0.92
N SER A 265 20.50 -4.66 1.85
CA SER A 265 20.11 -3.27 1.70
CA SER A 265 20.11 -3.27 1.68
C SER A 265 21.33 -2.37 1.73
N GLU A 266 22.20 -2.59 2.71
CA GLU A 266 23.33 -1.70 2.88
C GLU A 266 24.33 -1.83 1.74
N GLY A 267 24.39 -2.97 1.08
CA GLY A 267 25.31 -3.16 -0.04
C GLY A 267 25.16 -2.11 -1.14
N ASN A 268 23.96 -1.59 -1.34
CA ASN A 268 23.71 -0.50 -2.30
C ASN A 268 23.08 0.69 -1.65
N ASN A 269 23.26 0.86 -0.34
CA ASN A 269 22.74 2.02 0.38
C ASN A 269 21.24 2.23 0.19
N GLU A 270 20.53 1.13 0.15
CA GLU A 270 19.07 1.10 0.08
C GLU A 270 18.47 0.84 1.44
N TYR A 271 17.16 1.03 1.55
CA TYR A 271 16.43 0.77 2.79
C TYR A 271 15.96 -0.68 2.80
N PRO A 272 15.88 -1.30 4.00
CA PRO A 272 15.22 -2.60 4.09
C PRO A 272 13.77 -2.50 3.69
N VAL A 273 13.19 -3.61 3.29
CA VAL A 273 11.71 -3.71 3.19
C VAL A 273 11.04 -4.20 4.45
N VAL A 274 11.78 -4.91 5.32
CA VAL A 274 11.18 -5.59 6.48
C VAL A 274 11.12 -4.65 7.67
N ALA A 275 9.96 -4.55 8.26
CA ALA A 275 9.77 -3.74 9.47
C ALA A 275 10.70 -4.14 10.58
N GLY A 276 11.28 -3.15 11.25
CA GLY A 276 12.11 -3.44 12.39
C GLY A 276 13.56 -3.57 12.11
N VAL A 277 13.94 -3.75 10.87
CA VAL A 277 15.37 -3.85 10.56
C VAL A 277 15.97 -2.42 10.57
N PRO A 278 17.05 -2.22 11.30
CA PRO A 278 17.66 -0.91 11.35
C PRO A 278 18.14 -0.43 9.99
N ILE A 279 18.08 0.87 9.83
CA ILE A 279 18.45 1.58 8.62
C ILE A 279 19.96 1.82 8.60
N ALA A 280 20.56 1.80 7.43
CA ALA A 280 22.02 2.07 7.27
C ALA A 280 22.41 3.39 7.92
N SER A 281 23.59 3.41 8.54
CA SER A 281 24.10 4.63 9.15
CA SER A 281 24.09 4.64 9.16
C SER A 281 24.08 5.83 8.18
N VAL A 282 24.46 5.59 6.92
CA VAL A 282 24.51 6.70 5.94
C VAL A 282 23.13 7.31 5.65
N LEU A 283 22.09 6.50 5.84
CA LEU A 283 20.73 6.99 5.55
C LEU A 283 20.09 7.69 6.69
N LYS A 284 20.50 7.34 7.92
CA LYS A 284 19.83 7.87 9.10
C LYS A 284 19.75 9.41 9.16
N PRO A 285 20.81 10.13 8.76
CA PRO A 285 20.74 11.60 8.90
C PRO A 285 19.66 12.25 8.07
N PHE A 286 19.20 11.56 7.04
CA PHE A 286 18.13 12.11 6.21
C PHE A 286 16.72 11.88 6.78
N GLY A 287 16.61 11.02 7.76
CA GLY A 287 15.37 10.80 8.49
C GLY A 287 14.46 9.83 7.83
N SER A 288 13.42 9.47 8.53
CA SER A 288 12.39 8.58 8.01
C SER A 288 11.43 9.42 7.18
N PHE A 289 10.61 8.73 6.41
CA PHE A 289 9.68 9.44 5.54
C PHE A 289 8.49 8.55 5.23
N LYS A 290 7.36 9.20 4.99
CA LYS A 290 6.15 8.52 4.59
C LYS A 290 6.31 7.94 3.18
N ASN A 291 6.03 6.64 3.00
CA ASN A 291 6.05 5.98 1.75
C ASN A 291 4.65 5.95 1.16
N ASP A 292 4.50 6.22 -0.14
CA ASP A 292 3.22 5.99 -0.81
C ASP A 292 2.89 4.52 -0.72
N SER A 293 1.62 4.19 -0.50
CA SER A 293 1.18 2.78 -0.41
C SER A 293 0.79 2.17 -1.76
N THR A 294 0.96 2.92 -2.87
CA THR A 294 0.67 2.38 -4.18
C THR A 294 1.45 1.08 -4.45
N ASN A 295 0.79 0.09 -5.01
CA ASN A 295 1.51 -1.09 -5.34
C ASN A 295 2.47 -0.84 -6.50
N VAL A 296 3.73 -1.20 -6.35
CA VAL A 296 4.72 -0.83 -7.32
C VAL A 296 4.55 -1.50 -8.66
N SER A 297 3.74 -2.56 -8.75
CA SER A 297 3.42 -3.12 -10.07
C SER A 297 2.76 -2.13 -11.00
N VAL A 298 2.07 -1.15 -10.45
CA VAL A 298 1.44 -0.13 -11.29
C VAL A 298 2.49 0.53 -12.19
N TYR A 299 3.69 0.66 -11.69
CA TYR A 299 4.68 1.40 -12.47
CA TYR A 299 4.77 1.34 -12.47
C TYR A 299 5.09 0.63 -13.72
N GLY A 300 5.05 -0.69 -13.68
CA GLY A 300 5.19 -1.49 -14.86
C GLY A 300 3.99 -1.51 -15.74
N LYS A 301 2.81 -1.63 -15.16
N LYS A 301 2.81 -1.63 -15.16
CA LYS A 301 1.59 -1.62 -15.95
CA LYS A 301 1.58 -1.62 -15.93
C LYS A 301 1.51 -0.39 -16.84
C LYS A 301 1.49 -0.39 -16.83
N LEU A 302 1.91 0.74 -16.30
CA LEU A 302 1.84 2.02 -17.02
CA LEU A 302 1.82 2.04 -17.01
C LEU A 302 3.16 2.47 -17.63
N ASN A 303 4.12 1.55 -17.74
CA ASN A 303 5.39 1.93 -18.33
C ASN A 303 5.28 2.49 -19.77
N ALA A 304 4.51 1.83 -20.61
CA ALA A 304 4.37 2.28 -21.99
C ALA A 304 3.70 3.63 -22.03
N ASP A 305 2.71 3.87 -21.18
CA ASP A 305 2.06 5.19 -21.09
CA ASP A 305 2.05 5.20 -21.10
C ASP A 305 3.02 6.28 -20.69
N ALA A 306 3.92 5.96 -19.76
CA ALA A 306 4.95 6.90 -19.33
C ALA A 306 5.88 7.27 -20.48
N ILE A 307 6.35 6.27 -21.19
CA ILE A 307 7.22 6.51 -22.36
C ILE A 307 6.52 7.42 -23.37
N LYS A 308 5.27 7.12 -23.68
CA LYS A 308 4.52 7.90 -24.65
C LYS A 308 4.36 9.34 -24.18
N LEU A 309 4.02 9.53 -22.90
CA LEU A 309 3.82 10.89 -22.38
CA LEU A 309 3.83 10.89 -22.37
C LEU A 309 5.14 11.67 -22.48
N MET A 310 6.23 11.05 -22.05
N MET A 310 6.24 11.05 -22.05
CA MET A 310 7.51 11.74 -22.08
CA MET A 310 7.52 11.74 -22.07
C MET A 310 7.92 12.17 -23.51
C MET A 310 7.92 12.17 -23.51
N ASP A 311 7.71 11.27 -24.45
CA ASP A 311 7.93 11.58 -25.87
C ASP A 311 7.07 12.75 -26.28
N ARG A 312 5.80 12.73 -25.95
CA ARG A 312 4.86 13.74 -26.40
C ARG A 312 5.22 15.15 -25.94
N VAL A 313 5.79 15.29 -24.73
CA VAL A 313 6.14 16.60 -24.18
C VAL A 313 7.59 17.02 -24.45
N GLY A 314 8.30 16.22 -25.25
CA GLY A 314 9.63 16.61 -25.65
C GLY A 314 10.71 16.31 -24.64
N TRP A 315 10.48 15.34 -23.74
CA TRP A 315 11.48 14.91 -22.78
C TRP A 315 12.23 13.89 -23.45
N LYS A 316 13.44 14.39 -23.72
CA LYS A 316 14.48 13.81 -24.50
C LYS A 316 15.07 12.49 -24.03
N GLY B 1 -29.58 20.64 -10.25
CA GLY B 1 -29.93 19.20 -10.22
C GLY B 1 -29.82 18.53 -8.84
N ALA B 2 -29.75 17.22 -8.90
CA ALA B 2 -29.72 16.41 -7.66
C ALA B 2 -28.98 15.14 -7.92
N ILE B 3 -28.53 14.51 -6.85
CA ILE B 3 -28.00 13.14 -6.92
C ILE B 3 -28.78 12.24 -5.98
N ASN B 4 -28.89 10.97 -6.35
CA ASN B 4 -29.55 9.96 -5.53
C ASN B 4 -28.48 9.10 -4.83
N LEU B 5 -28.36 9.26 -3.51
CA LEU B 5 -27.41 8.54 -2.70
C LEU B 5 -28.09 7.35 -2.05
N TYR B 6 -27.70 6.16 -2.45
CA TYR B 6 -28.17 4.92 -1.83
C TYR B 6 -27.10 4.52 -0.82
N SER B 7 -27.41 4.60 0.46
CA SER B 7 -26.41 4.37 1.48
C SER B 7 -26.92 3.55 2.64
N SER B 8 -26.06 2.63 3.12
CA SER B 8 -26.27 1.91 4.36
C SER B 8 -25.48 2.48 5.51
N ARG B 9 -24.79 3.61 5.27
CA ARG B 9 -23.78 4.15 6.15
C ARG B 9 -24.11 5.56 6.64
N HIS B 10 -25.33 6.01 6.38
CA HIS B 10 -25.77 7.34 6.80
C HIS B 10 -25.95 7.44 8.29
N TYR B 11 -25.50 8.52 8.88
CA TYR B 11 -25.86 8.97 10.25
C TYR B 11 -26.46 10.35 10.15
N ASP B 12 -27.28 10.72 11.13
CA ASP B 12 -27.97 12.00 11.07
C ASP B 12 -27.06 13.21 10.94
N THR B 13 -25.88 13.12 11.52
CA THR B 13 -24.91 14.21 11.42
C THR B 13 -24.41 14.41 9.99
N ASP B 14 -24.61 13.42 9.13
CA ASP B 14 -24.23 13.54 7.73
C ASP B 14 -25.12 14.51 6.97
N GLN B 15 -26.30 14.84 7.51
CA GLN B 15 -27.11 15.85 6.85
C GLN B 15 -26.35 17.16 6.64
N ALA B 16 -25.49 17.52 7.59
CA ALA B 16 -24.77 18.81 7.44
C ALA B 16 -23.75 18.69 6.31
N LEU B 17 -23.22 17.51 6.09
CA LEU B 17 -22.34 17.26 4.95
C LEU B 17 -23.10 17.35 3.64
N TYR B 18 -24.27 16.77 3.55
CA TYR B 18 -25.07 16.90 2.34
C TYR B 18 -25.43 18.38 2.07
N ASP B 19 -25.83 19.09 3.11
CA ASP B 19 -26.24 20.48 2.94
C ASP B 19 -25.07 21.33 2.46
N SER B 20 -23.86 21.08 2.99
CA SER B 20 -22.66 21.79 2.57
CA SER B 20 -22.71 21.82 2.56
C SER B 20 -22.31 21.48 1.13
N PHE B 21 -22.44 20.22 0.75
CA PHE B 21 -22.28 19.83 -0.66
C PHE B 21 -23.24 20.63 -1.56
N THR B 22 -24.50 20.70 -1.17
CA THR B 22 -25.46 21.46 -1.97
C THR B 22 -25.10 22.93 -2.01
N LYS B 23 -24.63 23.49 -0.91
CA LYS B 23 -24.26 24.90 -0.92
C LYS B 23 -23.12 25.14 -1.90
N LYS B 24 -22.15 24.22 -1.95
CA LYS B 24 -21.01 24.39 -2.83
C LYS B 24 -21.34 24.14 -4.30
N THR B 25 -22.20 23.19 -4.59
CA THR B 25 -22.38 22.68 -5.94
C THR B 25 -23.76 22.96 -6.57
N GLY B 26 -24.73 23.31 -5.72
CA GLY B 26 -26.11 23.46 -6.09
C GLY B 26 -26.89 22.15 -6.14
N LEU B 27 -26.23 21.01 -5.99
CA LEU B 27 -26.89 19.70 -6.17
C LEU B 27 -27.48 19.19 -4.89
N LYS B 28 -28.76 18.94 -4.87
CA LYS B 28 -29.40 18.37 -3.69
C LYS B 28 -29.06 16.88 -3.59
N VAL B 29 -28.89 16.37 -2.36
CA VAL B 29 -28.71 14.96 -2.10
C VAL B 29 -30.06 14.35 -1.67
N ASN B 30 -30.54 13.41 -2.46
CA ASN B 30 -31.72 12.62 -2.10
C ASN B 30 -31.21 11.29 -1.56
N LEU B 31 -31.53 11.03 -0.29
CA LEU B 31 -31.01 9.86 0.45
C LEU B 31 -32.01 8.71 0.39
N ILE B 32 -31.52 7.54 -0.05
CA ILE B 32 -32.24 6.27 0.02
CA ILE B 32 -32.25 6.27 0.06
C ILE B 32 -31.41 5.37 0.95
N GLU B 33 -32.00 4.93 2.05
CA GLU B 33 -31.32 4.06 3.02
C GLU B 33 -31.76 2.61 2.90
N GLY B 34 -30.87 1.73 3.34
CA GLY B 34 -31.15 0.30 3.47
C GLY B 34 -29.93 -0.39 3.99
N LYS B 35 -30.05 -1.65 4.34
CA LYS B 35 -28.90 -2.47 4.69
C LYS B 35 -28.03 -2.68 3.45
N GLY B 36 -26.74 -2.86 3.68
CA GLY B 36 -25.84 -2.86 2.55
C GLY B 36 -26.17 -3.91 1.48
N ASP B 37 -26.31 -5.16 1.90
CA ASP B 37 -26.55 -6.22 0.96
C ASP B 37 -27.90 -6.02 0.25
N LYS B 38 -28.88 -5.53 0.97
CA LYS B 38 -30.21 -5.27 0.39
C LYS B 38 -30.15 -4.16 -0.65
N LEU B 39 -29.35 -3.13 -0.40
CA LEU B 39 -29.19 -2.05 -1.38
C LEU B 39 -28.58 -2.54 -2.67
N ILE B 40 -27.60 -3.43 -2.60
CA ILE B 40 -26.99 -3.99 -3.79
C ILE B 40 -28.06 -4.71 -4.61
N GLU B 41 -28.85 -5.53 -3.94
CA GLU B 41 -29.92 -6.28 -4.63
C GLU B 41 -30.95 -5.33 -5.24
N ARG B 42 -31.26 -4.28 -4.51
CA ARG B 42 -32.19 -3.27 -5.00
C ARG B 42 -31.69 -2.61 -6.29
N ILE B 43 -30.44 -2.16 -6.27
CA ILE B 43 -29.89 -1.50 -7.44
C ILE B 43 -29.83 -2.50 -8.62
N LYS B 44 -29.41 -3.74 -8.36
CA LYS B 44 -29.32 -4.78 -9.38
C LYS B 44 -30.71 -5.00 -10.07
N SER B 45 -31.75 -5.08 -9.24
CA SER B 45 -33.09 -5.36 -9.71
CA SER B 45 -33.12 -5.31 -9.65
C SER B 45 -33.69 -4.17 -10.43
N GLU B 46 -33.35 -2.95 -9.98
CA GLU B 46 -33.78 -1.73 -10.67
C GLU B 46 -33.20 -1.67 -12.06
N GLY B 47 -32.05 -2.28 -12.29
CA GLY B 47 -31.46 -2.46 -13.62
C GLY B 47 -31.07 -1.16 -14.31
N ALA B 48 -31.28 -1.09 -15.63
CA ALA B 48 -30.86 0.09 -16.39
C ALA B 48 -31.60 1.38 -15.96
N ASN B 49 -32.82 1.22 -15.46
CA ASN B 49 -33.64 2.36 -14.98
C ASN B 49 -33.38 2.82 -13.55
N SER B 50 -32.41 2.22 -12.85
CA SER B 50 -32.17 2.64 -11.47
C SER B 50 -31.82 4.15 -11.44
N PRO B 51 -32.46 4.91 -10.50
CA PRO B 51 -32.03 6.29 -10.32
C PRO B 51 -30.78 6.46 -9.45
N ALA B 52 -30.22 5.38 -8.91
CA ALA B 52 -29.08 5.53 -7.99
C ALA B 52 -27.88 6.17 -8.75
N ASP B 53 -27.29 7.17 -8.10
CA ASP B 53 -26.11 7.81 -8.56
C ASP B 53 -24.86 7.37 -7.81
N VAL B 54 -24.95 7.34 -6.49
CA VAL B 54 -23.85 6.93 -5.63
C VAL B 54 -24.34 5.83 -4.69
N PHE B 55 -23.50 4.81 -4.54
CA PHE B 55 -23.71 3.72 -3.62
C PHE B 55 -22.66 3.81 -2.54
N MET B 56 -23.10 3.88 -1.28
CA MET B 56 -22.18 3.82 -0.15
C MET B 56 -22.57 2.75 0.86
N THR B 57 -21.53 2.10 1.37
CA THR B 57 -21.73 1.03 2.35
C THR B 57 -20.47 0.87 3.18
N VAL B 58 -20.45 -0.18 3.99
CA VAL B 58 -19.27 -0.51 4.75
C VAL B 58 -18.71 -1.84 4.32
N ASP B 59 -17.37 -1.90 4.43
CA ASP B 59 -16.52 -3.08 4.25
C ASP B 59 -16.16 -3.28 2.78
N ALA B 60 -14.83 -3.32 2.51
CA ALA B 60 -14.40 -3.61 1.17
C ALA B 60 -14.93 -4.92 0.62
N GLY B 61 -15.22 -5.90 1.51
CA GLY B 61 -15.77 -7.14 1.06
C GLY B 61 -17.12 -6.94 0.40
N ARG B 62 -17.93 -6.06 0.98
CA ARG B 62 -19.23 -5.73 0.42
C ARG B 62 -19.13 -4.88 -0.84
N LEU B 63 -18.20 -3.92 -0.86
CA LEU B 63 -17.98 -3.14 -2.07
C LEU B 63 -17.54 -4.04 -3.21
N TRP B 64 -16.72 -5.05 -2.94
CA TRP B 64 -16.35 -6.04 -3.94
CA TRP B 64 -16.37 -6.07 -3.92
C TRP B 64 -17.60 -6.80 -4.45
N ARG B 65 -18.48 -7.18 -3.54
CA ARG B 65 -19.75 -7.83 -3.94
C ARG B 65 -20.53 -6.90 -4.91
N ALA B 66 -20.59 -5.60 -4.61
CA ALA B 66 -21.26 -4.65 -5.48
C ALA B 66 -20.60 -4.63 -6.85
N GLN B 67 -19.27 -4.58 -6.85
CA GLN B 67 -18.56 -4.57 -8.15
C GLN B 67 -18.88 -5.83 -8.95
N GLU B 68 -18.93 -6.99 -8.27
CA GLU B 68 -19.20 -8.24 -8.97
CA GLU B 68 -19.26 -8.31 -8.85
C GLU B 68 -20.65 -8.32 -9.45
N ALA B 69 -21.56 -7.60 -8.80
CA ALA B 69 -22.94 -7.43 -9.27
C ALA B 69 -23.11 -6.51 -10.47
N GLY B 70 -22.03 -5.83 -10.87
CA GLY B 70 -22.05 -5.04 -12.07
C GLY B 70 -22.70 -3.68 -11.85
N ILE B 71 -22.86 -3.24 -10.60
CA ILE B 71 -23.60 -2.04 -10.31
C ILE B 71 -22.75 -0.77 -10.20
N LEU B 72 -21.44 -0.86 -10.41
CA LEU B 72 -20.55 0.29 -10.33
C LEU B 72 -19.89 0.56 -11.66
N GLN B 73 -19.48 1.80 -11.86
CA GLN B 73 -18.68 2.19 -13.03
C GLN B 73 -17.37 2.84 -12.54
N PRO B 74 -16.27 2.65 -13.31
CA PRO B 74 -15.01 3.18 -12.86
C PRO B 74 -14.86 4.66 -13.03
N ILE B 75 -14.18 5.31 -12.09
CA ILE B 75 -13.96 6.77 -12.10
C ILE B 75 -12.51 7.07 -11.99
N SER B 76 -11.99 7.91 -12.87
CA SER B 76 -10.63 8.38 -12.83
C SER B 76 -10.62 9.86 -12.47
N SER B 77 -10.15 10.14 -11.27
CA SER B 77 -10.07 11.46 -10.69
C SER B 77 -8.78 11.68 -10.00
N SER B 78 -8.03 12.71 -10.42
CA SER B 78 -6.80 13.09 -9.72
C SER B 78 -7.06 13.33 -8.25
N THR B 79 -8.18 14.01 -7.96
CA THR B 79 -8.48 14.31 -6.58
C THR B 79 -8.71 13.02 -5.74
N LEU B 80 -9.55 12.11 -6.25
CA LEU B 80 -9.74 10.84 -5.53
C LEU B 80 -8.46 10.08 -5.37
N ASN B 81 -7.68 9.96 -6.44
CA ASN B 81 -6.52 9.09 -6.35
C ASN B 81 -5.43 9.71 -5.49
N ASN B 82 -5.25 11.04 -5.57
CA ASN B 82 -4.22 11.66 -4.75
C ASN B 82 -4.61 11.64 -3.28
N LYS B 83 -5.87 11.94 -2.99
CA LYS B 83 -6.28 12.09 -1.59
C LYS B 83 -6.57 10.79 -0.87
N ILE B 84 -7.04 9.76 -1.60
CA ILE B 84 -7.36 8.48 -0.97
C ILE B 84 -6.18 7.56 -1.12
N PRO B 85 -5.62 7.05 -0.01
CA PRO B 85 -4.51 6.09 -0.08
C PRO B 85 -4.81 4.96 -1.05
N ALA B 86 -3.81 4.55 -1.81
CA ALA B 86 -4.03 3.51 -2.81
C ALA B 86 -4.59 2.23 -2.24
N ASN B 87 -4.17 1.88 -1.02
CA ASN B 87 -4.65 0.65 -0.38
C ASN B 87 -6.10 0.68 0.01
N LEU B 88 -6.69 1.88 0.06
CA LEU B 88 -8.08 2.05 0.49
C LEU B 88 -9.03 2.32 -0.68
N ARG B 89 -8.60 2.03 -1.92
CA ARG B 89 -9.46 2.20 -3.08
C ARG B 89 -9.27 1.01 -4.02
N SER B 90 -10.31 0.72 -4.80
CA SER B 90 -10.29 -0.35 -5.71
C SER B 90 -9.17 -0.16 -6.72
N PRO B 91 -8.37 -1.19 -7.00
CA PRO B 91 -7.38 -1.06 -8.07
C PRO B 91 -7.99 -0.73 -9.44
N GLU B 92 -9.24 -1.11 -9.64
CA GLU B 92 -9.97 -0.86 -10.86
C GLU B 92 -10.80 0.40 -10.82
N LYS B 93 -10.69 1.16 -9.75
CA LYS B 93 -11.34 2.48 -9.65
C LYS B 93 -12.88 2.37 -9.62
N LEU B 94 -13.37 1.22 -9.11
CA LEU B 94 -14.82 1.02 -9.04
C LEU B 94 -15.43 1.56 -7.75
N TRP B 95 -14.61 1.69 -6.69
CA TRP B 95 -15.09 2.14 -5.42
C TRP B 95 -13.86 2.67 -4.63
N PHE B 96 -14.18 3.40 -3.57
CA PHE B 96 -13.21 4.22 -2.87
C PHE B 96 -13.57 4.29 -1.42
N GLY B 97 -12.57 4.22 -0.55
CA GLY B 97 -12.78 4.45 0.88
C GLY B 97 -12.85 5.91 1.24
N PHE B 98 -13.77 6.23 2.14
CA PHE B 98 -13.95 7.59 2.62
C PHE B 98 -13.78 7.73 4.14
N SER B 99 -13.93 6.65 4.92
CA SER B 99 -13.44 6.62 6.29
C SER B 99 -12.90 5.22 6.52
N LYS B 100 -12.14 5.10 7.63
CA LYS B 100 -11.39 3.89 7.91
C LYS B 100 -11.67 3.39 9.32
N ARG B 101 -11.75 2.06 9.40
CA ARG B 101 -11.91 1.35 10.68
C ARG B 101 -10.80 0.33 10.81
N ALA B 102 -10.52 -0.07 12.05
CA ALA B 102 -9.53 -1.11 12.31
C ALA B 102 -10.21 -2.25 13.06
N ARG B 103 -9.88 -3.48 12.72
CA ARG B 103 -10.40 -4.64 13.48
C ARG B 103 -9.31 -4.98 14.49
N VAL B 104 -9.63 -4.75 15.76
CA VAL B 104 -8.66 -4.69 16.82
C VAL B 104 -8.97 -5.71 17.93
N ILE B 105 -7.98 -5.88 18.81
CA ILE B 105 -8.19 -6.70 20.00
C ILE B 105 -8.72 -5.77 21.11
N MET B 106 -9.96 -6.07 21.52
CA MET B 106 -10.56 -5.43 22.69
C MET B 106 -10.18 -6.27 23.92
N TYR B 107 -9.72 -5.67 24.99
CA TYR B 107 -9.26 -6.46 26.14
C TYR B 107 -9.80 -5.89 27.43
N ASN B 108 -10.02 -6.79 28.39
CA ASN B 108 -10.49 -6.40 29.71
C ASN B 108 -9.30 -5.81 30.47
N LYS B 109 -9.42 -4.54 30.87
CA LYS B 109 -8.27 -3.81 31.45
C LYS B 109 -7.86 -4.38 32.80
N ASN B 110 -8.82 -4.91 33.57
CA ASN B 110 -8.44 -5.48 34.86
C ASN B 110 -7.65 -6.80 34.67
N LYS B 111 -8.02 -7.61 33.68
CA LYS B 111 -7.51 -8.98 33.49
C LYS B 111 -6.32 -9.10 32.56
N VAL B 112 -6.19 -8.16 31.64
CA VAL B 112 -5.20 -8.24 30.57
C VAL B 112 -4.38 -6.99 30.45
N GLN B 113 -3.07 -7.13 30.50
CA GLN B 113 -2.14 -6.02 30.24
C GLN B 113 -1.81 -6.00 28.74
N PRO B 114 -1.64 -4.79 28.16
CA PRO B 114 -1.31 -4.73 26.74
C PRO B 114 -0.02 -5.47 26.36
N SER B 115 0.93 -5.59 27.30
CA SER B 115 2.14 -6.39 27.07
C SER B 115 1.89 -7.85 26.74
N GLU B 116 0.67 -8.35 27.06
CA GLU B 116 0.30 -9.71 26.75
C GLU B 116 -0.15 -9.90 25.28
N LEU B 117 -0.38 -8.80 24.57
CA LEU B 117 -0.94 -8.82 23.24
C LEU B 117 0.16 -8.49 22.21
N SER B 118 -0.03 -9.01 21.00
CA SER B 118 0.97 -8.77 19.96
C SER B 118 0.30 -8.77 18.57
N THR B 119 -0.07 -9.96 18.09
CA THR B 119 -0.52 -10.17 16.72
C THR B 119 -1.86 -10.87 16.65
N TYR B 120 -2.47 -10.85 15.48
CA TYR B 120 -3.60 -11.73 15.23
C TYR B 120 -3.20 -13.19 15.33
N GLU B 121 -2.02 -13.51 14.86
CA GLU B 121 -1.56 -14.87 14.85
C GLU B 121 -1.46 -15.48 16.25
N ASP B 122 -1.04 -14.64 17.20
CA ASP B 122 -0.89 -15.08 18.59
C ASP B 122 -2.23 -15.52 19.22
N LEU B 123 -3.35 -15.09 18.63
CA LEU B 123 -4.63 -15.44 19.20
C LEU B 123 -4.98 -16.90 19.06
N ALA B 124 -4.24 -17.65 18.25
CA ALA B 124 -4.42 -19.10 18.15
C ALA B 124 -3.65 -19.89 19.21
N GLN B 125 -2.84 -19.21 20.03
CA GLN B 125 -2.02 -19.89 21.03
C GLN B 125 -2.91 -20.42 22.19
N ASN B 126 -2.48 -21.53 22.78
CA ASN B 126 -3.24 -22.21 23.81
C ASN B 126 -3.50 -21.37 25.04
N LYS B 127 -2.66 -20.42 25.34
CA LYS B 127 -2.85 -19.55 26.49
C LYS B 127 -4.18 -18.81 26.46
N TRP B 128 -4.80 -18.65 25.27
CA TRP B 128 -6.08 -17.93 25.19
C TRP B 128 -7.29 -18.87 25.31
N LYS B 129 -7.07 -20.15 25.65
CA LYS B 129 -8.18 -21.08 25.70
C LYS B 129 -9.25 -20.61 26.69
N GLY B 130 -10.50 -20.61 26.24
CA GLY B 130 -11.61 -20.18 27.05
C GLY B 130 -11.78 -18.69 27.19
N LYS B 131 -10.98 -17.90 26.46
CA LYS B 131 -10.90 -16.46 26.80
C LYS B 131 -11.35 -15.51 25.68
N ILE B 132 -11.63 -16.02 24.47
CA ILE B 132 -11.89 -15.10 23.34
C ILE B 132 -13.37 -15.04 23.02
N VAL B 133 -13.87 -13.84 22.80
CA VAL B 133 -15.24 -13.67 22.24
C VAL B 133 -15.16 -13.01 20.88
N ILE B 134 -16.00 -13.48 19.99
CA ILE B 134 -16.13 -12.91 18.64
C ILE B 134 -17.49 -13.28 18.07
N ARG B 135 -18.01 -12.43 17.20
CA ARG B 135 -19.30 -12.72 16.57
C ARG B 135 -19.19 -13.77 15.46
N SER B 136 -20.33 -14.09 14.88
CA SER B 136 -20.45 -15.16 13.94
C SER B 136 -19.65 -14.97 12.66
N SER B 137 -19.51 -16.07 11.96
CA SER B 137 -18.84 -16.11 10.68
C SER B 137 -19.66 -15.48 9.58
N SER B 138 -20.93 -15.20 9.82
CA SER B 138 -21.77 -14.55 8.82
C SER B 138 -21.43 -13.08 8.62
N ASN B 139 -20.66 -12.51 9.54
CA ASN B 139 -20.39 -11.10 9.53
C ASN B 139 -19.26 -10.73 8.57
N ILE B 140 -19.49 -9.70 7.76
CA ILE B 140 -18.53 -9.32 6.72
C ILE B 140 -17.18 -8.86 7.34
N TYR B 141 -17.18 -8.22 8.52
CA TYR B 141 -15.92 -7.75 9.09
C TYR B 141 -15.00 -8.92 9.38
N ASN B 142 -15.60 -9.98 9.91
CA ASN B 142 -14.86 -11.23 10.15
C ASN B 142 -14.40 -11.87 8.87
N GLN B 143 -15.30 -11.97 7.89
CA GLN B 143 -14.92 -12.57 6.62
C GLN B 143 -13.71 -11.83 6.02
N SER B 144 -13.72 -10.50 6.10
CA SER B 144 -12.62 -9.71 5.55
C SER B 144 -11.32 -9.94 6.30
N LEU B 145 -11.38 -10.03 7.63
CA LEU B 145 -10.19 -10.34 8.39
C LEU B 145 -9.62 -11.70 8.01
N ILE B 146 -10.47 -12.70 7.95
CA ILE B 146 -10.00 -14.05 7.59
C ILE B 146 -9.46 -14.07 6.17
N ALA B 147 -10.12 -13.37 5.24
CA ALA B 147 -9.59 -13.22 3.90
C ALA B 147 -8.15 -12.68 3.94
N SER B 148 -7.92 -11.66 4.77
CA SER B 148 -6.56 -11.09 4.83
C SER B 148 -5.56 -12.12 5.29
N LEU B 149 -5.96 -13.00 6.22
CA LEU B 149 -5.08 -14.02 6.77
C LEU B 149 -4.79 -15.12 5.74
N ILE B 150 -5.80 -15.45 4.93
CA ILE B 150 -5.58 -16.39 3.83
C ILE B 150 -4.59 -15.81 2.84
N GLU B 151 -4.75 -14.54 2.51
CA GLU B 151 -3.82 -13.90 1.57
C GLU B 151 -2.38 -13.98 2.10
N ILE B 152 -2.17 -13.64 3.36
CA ILE B 152 -0.83 -13.69 3.89
C ILE B 152 -0.29 -15.12 3.93
N HIS B 153 -1.06 -15.98 4.61
CA HIS B 153 -0.53 -17.25 5.08
C HIS B 153 -0.72 -18.43 4.15
N GLY B 154 -1.66 -18.28 3.20
CA GLY B 154 -2.10 -19.37 2.41
C GLY B 154 -3.11 -20.22 3.17
N MET B 155 -3.83 -21.03 2.45
CA MET B 155 -4.92 -21.80 3.07
C MET B 155 -4.47 -22.71 4.21
N SER B 156 -3.39 -23.46 4.02
CA SER B 156 -2.99 -24.45 5.04
C SER B 156 -2.60 -23.75 6.35
N ASP B 157 -1.75 -22.75 6.28
CA ASP B 157 -1.31 -22.05 7.47
C ASP B 157 -2.47 -21.27 8.07
N ALA B 158 -3.33 -20.66 7.24
CA ALA B 158 -4.48 -19.92 7.80
C ALA B 158 -5.46 -20.85 8.50
N GLU B 159 -5.65 -22.05 7.93
CA GLU B 159 -6.56 -23.02 8.56
C GLU B 159 -5.99 -23.49 9.88
N GLY B 160 -4.68 -23.71 9.99
CA GLY B 160 -4.10 -24.07 11.31
C GLY B 160 -4.37 -22.98 12.31
N TRP B 161 -4.19 -21.71 11.91
CA TRP B 161 -4.50 -20.60 12.79
C TRP B 161 -5.97 -20.63 13.23
N ALA B 162 -6.86 -20.77 12.26
CA ALA B 162 -8.28 -20.63 12.53
C ALA B 162 -8.74 -21.77 13.47
N LYS B 163 -8.18 -22.98 13.30
CA LYS B 163 -8.53 -24.09 14.20
C LYS B 163 -8.17 -23.70 15.64
N GLY B 164 -6.99 -23.16 15.85
CA GLY B 164 -6.57 -22.79 17.15
C GLY B 164 -7.40 -21.65 17.72
N PHE B 165 -7.69 -20.68 16.86
CA PHE B 165 -8.51 -19.54 17.24
C PHE B 165 -9.91 -19.97 17.73
N VAL B 166 -10.59 -20.77 16.91
CA VAL B 166 -11.91 -21.24 17.26
C VAL B 166 -11.87 -22.04 18.57
N ARG B 167 -10.81 -22.85 18.77
CA ARG B 167 -10.66 -23.60 19.98
C ARG B 167 -10.59 -22.73 21.21
N ASN B 168 -10.26 -21.47 21.05
CA ASN B 168 -10.12 -20.52 22.12
C ASN B 168 -11.39 -19.74 22.46
N PHE B 169 -12.49 -20.01 21.74
CA PHE B 169 -13.72 -19.25 21.99
C PHE B 169 -14.26 -19.53 23.38
N ALA B 170 -14.62 -18.49 24.09
CA ALA B 170 -15.18 -18.59 25.42
C ALA B 170 -16.62 -19.07 25.40
N ARG B 171 -17.35 -18.76 24.32
CA ARG B 171 -18.74 -19.16 24.14
C ARG B 171 -18.98 -19.25 22.64
N PRO B 172 -20.07 -19.88 22.21
CA PRO B 172 -20.41 -19.85 20.78
C PRO B 172 -20.66 -18.41 20.37
N PRO B 173 -20.18 -17.99 19.20
CA PRO B 173 -20.42 -16.64 18.69
C PRO B 173 -21.88 -16.25 18.87
N GLU B 174 -22.05 -15.09 19.46
CA GLU B 174 -23.39 -14.59 19.74
C GLU B 174 -23.33 -13.08 19.84
N GLY B 175 -24.26 -12.41 19.17
CA GLY B 175 -24.34 -10.95 19.23
C GLY B 175 -23.44 -10.25 18.23
N ASN B 176 -23.53 -8.94 18.23
CA ASN B 176 -22.81 -8.08 17.29
C ASN B 176 -21.45 -7.66 17.88
N ASP B 177 -20.75 -6.72 17.23
CA ASP B 177 -19.44 -6.33 17.73
C ASP B 177 -19.53 -5.68 19.09
N THR B 178 -20.54 -4.82 19.29
CA THR B 178 -20.73 -4.20 20.57
C THR B 178 -20.99 -5.22 21.67
N ALA B 179 -21.72 -6.29 21.34
CA ALA B 179 -21.95 -7.34 22.31
C ALA B 179 -20.66 -7.99 22.74
N GLN B 180 -19.71 -8.12 21.82
CA GLN B 180 -18.42 -8.71 22.22
C GLN B 180 -17.69 -7.80 23.20
N ILE B 181 -17.73 -6.48 22.95
CA ILE B 181 -17.13 -5.55 23.87
C ILE B 181 -17.74 -5.66 25.27
N LYS B 182 -19.07 -5.74 25.30
CA LYS B 182 -19.77 -5.90 26.57
C LYS B 182 -19.37 -7.19 27.26
N ALA B 183 -19.22 -8.26 26.51
CA ALA B 183 -18.81 -9.56 27.06
C ALA B 183 -17.41 -9.50 27.63
N VAL B 184 -16.50 -8.80 26.97
CA VAL B 184 -15.16 -8.58 27.51
C VAL B 184 -15.23 -7.76 28.79
N ALA B 185 -15.98 -6.67 28.82
CA ALA B 185 -16.14 -5.88 30.01
C ALA B 185 -16.67 -6.69 31.18
N ALA B 186 -17.61 -7.58 30.93
CA ALA B 186 -18.25 -8.37 31.97
C ALA B 186 -17.45 -9.59 32.38
N GLY B 187 -16.38 -9.93 31.71
CA GLY B 187 -15.58 -11.11 32.09
C GLY B 187 -15.99 -12.38 31.43
N ILE B 188 -16.96 -12.37 30.51
CA ILE B 188 -17.33 -13.55 29.74
C ILE B 188 -16.17 -13.99 28.88
N GLY B 189 -15.48 -12.98 28.31
CA GLY B 189 -14.16 -13.21 27.72
C GLY B 189 -13.18 -12.25 28.32
N ASP B 190 -11.89 -12.56 28.12
CA ASP B 190 -10.86 -11.58 28.48
C ASP B 190 -10.46 -10.67 27.29
N ILE B 191 -10.60 -11.22 26.10
CA ILE B 191 -10.31 -10.48 24.87
C ILE B 191 -11.36 -10.80 23.83
N GLY B 192 -11.44 -9.93 22.85
CA GLY B 192 -12.33 -10.18 21.73
C GLY B 192 -11.87 -9.40 20.51
N LEU B 193 -12.45 -9.69 19.36
CA LEU B 193 -12.18 -8.87 18.16
C LEU B 193 -13.43 -8.03 17.85
N ALA B 194 -13.23 -6.76 17.53
CA ALA B 194 -14.30 -5.89 17.15
C ALA B 194 -13.69 -4.69 16.42
N ASN B 195 -14.52 -3.92 15.72
CA ASN B 195 -14.02 -2.71 15.09
C ASN B 195 -13.85 -1.58 16.10
N SER B 196 -12.79 -0.80 15.83
CA SER B 196 -12.39 0.31 16.67
C SER B 196 -13.49 1.27 17.06
N TYR B 197 -14.33 1.60 16.08
CA TYR B 197 -15.33 2.63 16.28
C TYR B 197 -16.41 2.23 17.27
N TYR B 198 -16.60 0.93 17.50
CA TYR B 198 -17.63 0.51 18.49
C TYR B 198 -17.19 0.87 19.91
N LEU B 199 -15.89 0.78 20.22
CA LEU B 199 -15.43 1.24 21.54
C LEU B 199 -15.54 2.74 21.68
N ALA B 200 -15.12 3.45 20.62
CA ALA B 200 -15.27 4.90 20.61
C ALA B 200 -16.70 5.34 20.76
N ARG B 201 -17.63 4.63 20.14
CA ARG B 201 -19.07 4.97 20.28
C ARG B 201 -19.50 4.91 21.75
N LEU B 202 -19.08 3.86 22.43
CA LEU B 202 -19.43 3.73 23.86
C LEU B 202 -18.76 4.87 24.68
N LYS B 203 -17.52 5.20 24.36
CA LYS B 203 -16.83 6.28 25.04
C LYS B 203 -17.54 7.64 24.90
N ARG B 204 -18.12 7.85 23.75
CA ARG B 204 -18.82 9.13 23.43
C ARG B 204 -20.23 9.17 23.87
N SER B 205 -20.78 8.02 24.22
CA SER B 205 -22.16 7.95 24.56
C SER B 205 -22.45 8.75 25.85
N SER B 206 -23.62 9.39 25.86
CA SER B 206 -24.04 10.11 27.04
C SER B 206 -24.62 9.16 28.07
N LYS B 207 -24.83 7.89 27.72
CA LYS B 207 -25.43 6.96 28.62
C LYS B 207 -24.40 6.47 29.62
N PRO B 208 -24.66 6.65 30.93
CA PRO B 208 -23.69 6.13 31.92
C PRO B 208 -23.36 4.65 31.74
N GLU B 209 -24.32 3.84 31.34
CA GLU B 209 -24.07 2.43 31.18
C GLU B 209 -23.05 2.15 30.06
N ASP B 210 -23.06 2.96 29.01
CA ASP B 210 -22.09 2.84 27.93
C ASP B 210 -20.70 3.25 28.37
N GLN B 211 -20.63 4.33 29.12
CA GLN B 211 -19.36 4.80 29.72
CA GLN B 211 -19.32 4.74 29.59
C GLN B 211 -18.75 3.71 30.60
N ALA B 212 -19.61 3.02 31.37
CA ALA B 212 -19.14 2.02 32.33
C ALA B 212 -18.47 0.85 31.58
N VAL B 213 -19.08 0.47 30.46
CA VAL B 213 -18.50 -0.60 29.64
C VAL B 213 -17.15 -0.12 29.05
N ALA B 214 -17.16 1.07 28.46
CA ALA B 214 -15.94 1.61 27.82
C ALA B 214 -14.79 1.75 28.83
N ASP B 215 -15.10 2.09 30.08
CA ASP B 215 -14.08 2.22 31.11
C ASP B 215 -13.34 0.91 31.41
N LYS B 216 -13.98 -0.22 31.13
CA LYS B 216 -13.48 -1.54 31.43
C LYS B 216 -12.71 -2.21 30.31
N VAL B 217 -12.71 -1.60 29.12
CA VAL B 217 -12.18 -2.27 27.91
C VAL B 217 -11.18 -1.35 27.21
N GLY B 218 -9.98 -1.90 26.93
CA GLY B 218 -9.00 -1.20 26.13
C GLY B 218 -9.02 -1.75 24.69
N MET B 219 -8.31 -1.04 23.82
CA MET B 219 -8.14 -1.38 22.45
C MET B 219 -6.67 -1.51 22.11
N PHE B 220 -6.35 -2.59 21.43
CA PHE B 220 -4.97 -2.88 21.03
C PHE B 220 -4.91 -3.10 19.53
N PHE B 221 -4.01 -2.34 18.90
CA PHE B 221 -3.82 -2.40 17.44
C PHE B 221 -2.78 -3.47 17.14
N PRO B 222 -3.14 -4.62 16.54
CA PRO B 222 -2.21 -5.71 16.46
C PRO B 222 -1.19 -5.55 15.29
N ASN B 223 -0.11 -6.33 15.41
CA ASN B 223 0.88 -6.51 14.37
C ASN B 223 1.69 -5.23 14.09
N GLN B 224 1.88 -4.41 15.13
CA GLN B 224 2.62 -3.15 14.99
C GLN B 224 4.08 -3.34 14.69
N ASN B 225 4.66 -4.46 15.17
CA ASN B 225 6.05 -4.73 14.90
C ASN B 225 6.30 -5.50 13.61
N GLY B 226 5.23 -5.76 12.87
CA GLY B 226 5.30 -6.46 11.62
C GLY B 226 4.53 -5.71 10.57
N ARG B 227 3.52 -6.38 9.95
CA ARG B 227 2.88 -5.77 8.77
C ARG B 227 1.92 -4.67 9.07
N GLY B 228 1.47 -4.49 10.29
CA GLY B 228 0.50 -3.50 10.67
C GLY B 228 -0.90 -4.06 10.92
N THR B 229 -1.75 -3.19 11.41
CA THR B 229 -3.12 -3.56 11.76
C THR B 229 -4.02 -3.69 10.54
N HIS B 230 -4.97 -4.62 10.61
CA HIS B 230 -5.95 -4.79 9.58
C HIS B 230 -6.92 -3.62 9.62
N VAL B 231 -6.93 -2.86 8.53
CA VAL B 231 -7.87 -1.75 8.35
C VAL B 231 -8.84 -2.04 7.22
N ASN B 232 -9.99 -1.42 7.31
CA ASN B 232 -11.04 -1.60 6.33
C ASN B 232 -11.76 -0.25 6.23
N ILE B 233 -12.76 -0.20 5.32
CA ILE B 233 -13.32 1.09 4.91
C ILE B 233 -14.83 1.14 5.02
N SER B 234 -15.32 2.37 5.21
CA SER B 234 -16.62 2.81 4.74
C SER B 234 -16.37 3.45 3.36
N GLY B 235 -17.11 3.10 2.35
CA GLY B 235 -16.77 3.61 1.04
C GLY B 235 -17.92 3.59 0.07
N GLY B 236 -17.59 3.91 -1.17
CA GLY B 236 -18.64 4.03 -2.14
C GLY B 236 -18.11 4.23 -3.54
N GLY B 237 -19.05 4.23 -4.48
CA GLY B 237 -18.71 4.41 -5.87
C GLY B 237 -19.88 4.99 -6.65
N VAL B 238 -19.58 5.34 -7.90
CA VAL B 238 -20.60 5.79 -8.85
C VAL B 238 -21.31 4.58 -9.44
N VAL B 239 -22.63 4.64 -9.43
CA VAL B 239 -23.44 3.53 -9.90
C VAL B 239 -23.43 3.45 -11.44
N LYS B 240 -23.47 2.25 -11.96
CA LYS B 240 -23.35 1.94 -13.38
C LYS B 240 -24.27 2.76 -14.25
N ASN B 241 -25.51 2.90 -13.85
CA ASN B 241 -26.39 3.66 -14.72
C ASN B 241 -26.77 5.03 -14.18
N ALA B 242 -25.87 5.65 -13.44
CA ALA B 242 -26.18 6.89 -12.75
C ALA B 242 -26.80 7.90 -13.72
N PRO B 243 -27.94 8.47 -13.34
CA PRO B 243 -28.52 9.51 -14.18
C PRO B 243 -27.79 10.84 -14.12
N ASN B 244 -27.06 11.07 -13.04
CA ASN B 244 -26.23 12.26 -12.90
C ASN B 244 -24.79 11.85 -12.54
N LYS B 245 -24.10 11.28 -13.51
CA LYS B 245 -22.71 10.87 -13.29
C LYS B 245 -21.80 12.05 -12.89
N GLU B 246 -21.94 13.20 -13.53
CA GLU B 246 -21.10 14.35 -13.18
CA GLU B 246 -21.02 14.27 -13.16
C GLU B 246 -21.29 14.75 -11.72
N GLY B 247 -22.55 14.76 -11.30
CA GLY B 247 -22.87 15.14 -9.94
C GLY B 247 -22.34 14.09 -8.95
N ALA B 248 -22.41 12.82 -9.35
CA ALA B 248 -21.94 11.74 -8.51
C ALA B 248 -20.42 11.90 -8.29
N ILE B 249 -19.69 12.19 -9.36
CA ILE B 249 -18.26 12.41 -9.21
C ILE B 249 -17.98 13.62 -8.31
N LYS B 250 -18.72 14.71 -8.53
CA LYS B 250 -18.57 15.84 -7.63
C LYS B 250 -18.76 15.48 -6.14
N PHE B 251 -19.76 14.63 -5.86
CA PHE B 251 -20.00 14.20 -4.50
C PHE B 251 -18.80 13.39 -3.95
N LEU B 252 -18.31 12.41 -4.71
CA LEU B 252 -17.16 11.66 -4.22
C LEU B 252 -15.97 12.57 -3.96
N GLU B 253 -15.70 13.52 -4.90
CA GLU B 253 -14.60 14.44 -4.70
C GLU B 253 -14.82 15.32 -3.46
N TYR B 254 -16.04 15.78 -3.27
CA TYR B 254 -16.35 16.56 -2.08
C TYR B 254 -16.05 15.77 -0.81
N LEU B 255 -16.34 14.47 -0.81
CA LEU B 255 -16.13 13.67 0.39
C LEU B 255 -14.71 13.58 0.85
N VAL B 256 -13.72 13.85 -0.05
CA VAL B 256 -12.33 13.85 0.38
C VAL B 256 -11.83 15.20 0.86
N SER B 257 -12.67 16.23 0.79
CA SER B 257 -12.29 17.52 1.32
C SER B 257 -12.07 17.44 2.84
N PRO B 258 -11.23 18.29 3.42
CA PRO B 258 -11.01 18.21 4.85
C PRO B 258 -12.27 18.33 5.67
N GLU B 259 -13.17 19.24 5.30
CA GLU B 259 -14.34 19.42 6.11
CA GLU B 259 -14.43 19.44 6.03
C GLU B 259 -15.25 18.20 6.03
N ALA B 260 -15.44 17.65 4.86
CA ALA B 260 -16.27 16.48 4.69
C ALA B 260 -15.65 15.27 5.40
N GLN B 261 -14.33 15.12 5.27
CA GLN B 261 -13.67 14.03 5.93
C GLN B 261 -13.91 14.04 7.42
N LYS B 262 -13.84 15.20 8.04
CA LYS B 262 -14.07 15.31 9.48
C LYS B 262 -15.50 14.91 9.79
N ILE B 263 -16.47 15.51 9.12
CA ILE B 263 -17.87 15.22 9.43
C ILE B 263 -18.20 13.75 9.21
N PHE B 264 -17.82 13.25 8.06
CA PHE B 264 -18.19 11.87 7.70
C PHE B 264 -17.49 10.86 8.61
N SER B 265 -16.21 11.07 8.89
N SER B 265 -16.19 11.05 8.86
CA SER B 265 -15.51 10.10 9.73
CA SER B 265 -15.48 10.09 9.74
C SER B 265 -16.03 10.16 11.17
C SER B 265 -16.01 10.16 11.18
N GLU B 266 -16.16 11.36 11.71
CA GLU B 266 -16.56 11.49 13.09
C GLU B 266 -17.99 11.05 13.34
N GLY B 267 -18.84 11.09 12.32
CA GLY B 267 -20.22 10.67 12.47
C GLY B 267 -20.37 9.25 12.95
N ASN B 268 -19.41 8.40 12.63
CA ASN B 268 -19.39 7.01 13.13
C ASN B 268 -18.11 6.69 13.86
N ASN B 269 -17.40 7.69 14.37
CA ASN B 269 -16.17 7.48 15.16
C ASN B 269 -15.14 6.65 14.40
N GLU B 270 -15.08 6.88 13.09
CA GLU B 270 -14.06 6.29 12.24
C GLU B 270 -12.94 7.29 12.00
N TYR B 271 -11.84 6.78 11.42
CA TYR B 271 -10.70 7.61 11.07
C TYR B 271 -10.90 8.19 9.68
N PRO B 272 -10.38 9.38 9.40
CA PRO B 272 -10.33 9.84 8.01
C PRO B 272 -9.47 8.95 7.17
N VAL B 273 -9.70 8.96 5.85
CA VAL B 273 -8.74 8.38 4.95
C VAL B 273 -7.70 9.38 4.43
N VAL B 274 -8.01 10.68 4.49
CA VAL B 274 -7.14 11.68 3.87
C VAL B 274 -6.07 12.13 4.85
N ALA B 275 -4.84 12.14 4.37
CA ALA B 275 -3.73 12.58 5.20
C ALA B 275 -3.93 14.03 5.64
N GLY B 276 -3.57 14.29 6.91
CA GLY B 276 -3.64 15.64 7.40
C GLY B 276 -4.94 16.06 8.04
N VAL B 277 -5.99 15.27 7.88
CA VAL B 277 -7.26 15.60 8.49
C VAL B 277 -7.16 15.18 9.98
N PRO B 278 -7.52 16.06 10.89
CA PRO B 278 -7.46 15.68 12.29
CA PRO B 278 -7.47 15.67 12.28
C PRO B 278 -8.39 14.51 12.64
N ILE B 279 -7.95 13.73 13.58
CA ILE B 279 -8.65 12.57 14.10
C ILE B 279 -9.66 13.04 15.17
N ALA B 280 -10.77 12.32 15.28
CA ALA B 280 -11.78 12.59 16.30
C ALA B 280 -11.17 12.65 17.71
N SER B 281 -11.65 13.57 18.52
CA SER B 281 -11.16 13.70 19.90
CA SER B 281 -11.14 13.70 19.90
C SER B 281 -11.20 12.36 20.67
N VAL B 282 -12.27 11.59 20.48
CA VAL B 282 -12.44 10.30 21.18
C VAL B 282 -11.42 9.28 20.76
N LEU B 283 -10.87 9.39 19.56
CA LEU B 283 -9.89 8.46 19.08
C LEU B 283 -8.48 8.80 19.49
N LYS B 284 -8.23 10.08 19.75
CA LYS B 284 -6.85 10.52 20.05
C LYS B 284 -6.17 9.74 21.22
N PRO B 285 -6.92 9.45 22.31
CA PRO B 285 -6.24 8.80 23.42
C PRO B 285 -5.71 7.40 23.10
N PHE B 286 -6.24 6.76 22.06
CA PHE B 286 -5.72 5.46 21.68
C PHE B 286 -4.43 5.51 20.83
N GLY B 287 -4.11 6.70 20.30
CA GLY B 287 -2.86 6.93 19.60
C GLY B 287 -2.92 6.48 18.16
N SER B 288 -1.85 6.81 17.45
CA SER B 288 -1.77 6.41 16.05
CA SER B 288 -1.65 6.41 16.06
C SER B 288 -1.24 4.97 16.00
N PHE B 289 -1.36 4.36 14.85
CA PHE B 289 -0.94 2.98 14.69
C PHE B 289 -0.59 2.69 13.24
N LYS B 290 0.31 1.75 13.04
CA LYS B 290 0.70 1.34 11.72
C LYS B 290 -0.44 0.58 11.06
N ASN B 291 -0.78 0.99 9.82
CA ASN B 291 -1.77 0.31 9.02
C ASN B 291 -1.09 -0.64 8.07
N ASP B 292 -1.63 -1.86 7.90
CA ASP B 292 -1.17 -2.73 6.83
C ASP B 292 -1.43 -2.01 5.48
N SER B 293 -0.50 -2.12 4.55
CA SER B 293 -0.64 -1.55 3.21
C SER B 293 -1.35 -2.44 2.20
N THR B 294 -1.82 -3.62 2.64
CA THR B 294 -2.58 -4.49 1.75
C THR B 294 -3.78 -3.76 1.13
N ASN B 295 -3.96 -3.95 -0.20
CA ASN B 295 -5.13 -3.35 -0.82
C ASN B 295 -6.38 -4.04 -0.34
N VAL B 296 -7.35 -3.27 0.13
CA VAL B 296 -8.52 -3.84 0.76
C VAL B 296 -9.40 -4.64 -0.18
N SER B 297 -9.22 -4.46 -1.50
CA SER B 297 -9.93 -5.32 -2.45
C SER B 297 -9.64 -6.80 -2.26
N VAL B 298 -8.46 -7.12 -1.71
CA VAL B 298 -8.10 -8.52 -1.48
C VAL B 298 -9.18 -9.18 -0.59
N TYR B 299 -9.75 -8.38 0.32
CA TYR B 299 -10.65 -8.98 1.28
CA TYR B 299 -10.74 -8.90 1.30
C TYR B 299 -11.94 -9.43 0.58
N GLY B 300 -12.33 -8.73 -0.49
CA GLY B 300 -13.42 -9.22 -1.31
C GLY B 300 -13.05 -10.35 -2.22
N LYS B 301 -11.90 -10.27 -2.83
CA LYS B 301 -11.42 -11.34 -3.71
C LYS B 301 -11.43 -12.69 -3.00
N LEU B 302 -11.05 -12.70 -1.74
CA LEU B 302 -10.93 -13.94 -0.95
C LEU B 302 -12.13 -14.16 -0.02
N ASN B 303 -13.22 -13.41 -0.21
CA ASN B 303 -14.36 -13.59 0.65
C ASN B 303 -14.93 -15.00 0.61
N ALA B 304 -15.12 -15.55 -0.57
CA ALA B 304 -15.70 -16.90 -0.66
C ALA B 304 -14.81 -17.94 0.01
N ASP B 305 -13.50 -17.83 -0.19
CA ASP B 305 -12.52 -18.71 0.52
C ASP B 305 -12.60 -18.58 2.03
N ALA B 306 -12.78 -17.37 2.53
CA ALA B 306 -12.91 -17.13 3.94
C ALA B 306 -14.13 -17.81 4.49
N ILE B 307 -15.26 -17.66 3.82
CA ILE B 307 -16.48 -18.35 4.27
C ILE B 307 -16.30 -19.87 4.31
N LYS B 308 -15.68 -20.44 3.30
CA LYS B 308 -15.45 -21.89 3.30
C LYS B 308 -14.53 -22.31 4.46
N LEU B 309 -13.47 -21.56 4.71
CA LEU B 309 -12.53 -21.88 5.78
C LEU B 309 -13.27 -21.79 7.11
N MET B 310 -14.06 -20.77 7.33
CA MET B 310 -14.77 -20.61 8.61
CA MET B 310 -14.75 -20.61 8.60
C MET B 310 -15.72 -21.79 8.84
N ASP B 311 -16.44 -22.20 7.78
CA ASP B 311 -17.27 -23.39 7.89
C ASP B 311 -16.45 -24.61 8.27
N ARG B 312 -15.33 -24.81 7.58
CA ARG B 312 -14.54 -26.02 7.80
C ARG B 312 -13.97 -26.14 9.22
N VAL B 313 -13.70 -25.03 9.89
CA VAL B 313 -13.16 -25.03 11.26
C VAL B 313 -14.23 -24.89 12.35
N GLY B 314 -15.50 -24.87 11.94
CA GLY B 314 -16.59 -24.88 12.90
C GLY B 314 -16.86 -23.54 13.56
N TRP B 315 -16.59 -22.45 12.82
CA TRP B 315 -16.87 -21.11 13.32
C TRP B 315 -18.30 -20.82 12.99
N LYS B 316 -19.15 -20.76 14.03
CA LYS B 316 -20.60 -20.76 13.91
C LYS B 316 -21.10 -19.58 13.08
N LEU B 317 -22.07 -19.88 12.20
CA LEU B 317 -22.86 -18.87 11.48
C LEU B 317 -23.88 -18.24 12.41
N GLU B 318 -24.39 -17.08 12.02
CA GLU B 318 -25.41 -16.38 12.83
C GLU B 318 -26.69 -17.19 12.78
CL CL C . -2.22 0.48 -6.14
C1 GOL D . 14.83 8.93 -26.90
O1 GOL D . 15.81 8.21 -26.17
C2 GOL D . 13.80 9.14 -25.82
O2 GOL D . 12.86 8.07 -26.01
C3 GOL D . 13.46 10.66 -25.81
O3 GOL D . 14.64 11.37 -25.16
C1 GOL E . 18.18 9.21 -24.32
O1 GOL E . 17.77 10.55 -24.51
C2 GOL E . 19.16 8.62 -25.31
O2 GOL E . 20.00 9.66 -25.81
C3 GOL E . 18.56 7.96 -26.55
O3 GOL E . 18.14 6.60 -26.39
C1 GOL F . 12.39 20.46 -24.27
O1 GOL F . 11.68 21.70 -24.03
C2 GOL F . 11.41 19.62 -25.08
O2 GOL F . 10.02 20.11 -25.05
C3 GOL F . 11.80 19.25 -26.49
O3 GOL F . 13.01 18.52 -26.75
FE FE G . -24.86 -6.96 10.37
CAC FLC H . -25.39 -3.64 7.14
CA FLC H . -24.55 -3.33 8.39
CB FLC H . -24.16 -4.51 9.26
CBC FLC H . -23.43 -5.51 8.41
CG FLC H . -23.21 -3.99 10.35
CGC FLC H . -22.88 -5.00 11.43
OA1 FLC H . -25.83 -4.81 6.97
OA2 FLC H . -25.50 -2.71 6.29
OB1 FLC H . -22.51 -5.08 7.59
OB2 FLC H . -23.75 -6.69 8.60
OG1 FLC H . -23.44 -6.12 11.57
OG2 FLC H . -22.03 -4.64 12.26
OHB FLC H . -25.35 -4.94 9.85
CAC FLC I . -29.20 -8.33 10.60
CA FLC I . -28.16 -9.42 10.54
CB FLC I . -26.71 -8.96 10.72
CBC FLC I . -26.48 -8.32 12.07
CG FLC I . -25.78 -10.19 10.65
CGC FLC I . -24.22 -10.11 10.68
OA1 FLC I . -30.33 -8.59 10.13
OA2 FLC I . -28.94 -7.21 11.11
OB1 FLC I . -25.70 -7.36 12.05
OB2 FLC I . -27.02 -8.72 13.12
OG1 FLC I . -23.72 -11.27 10.93
OG2 FLC I . -23.50 -9.05 10.43
OHB FLC I . -26.42 -7.93 9.75
CL CL J . -2.29 -6.10 -1.89
C1 GOL K . -2.79 19.14 -1.12
O1 GOL K . -2.43 20.36 -1.82
C2 GOL K . -1.69 18.13 -0.75
O2 GOL K . -1.75 17.93 0.63
C3 GOL K . -1.72 16.64 -1.24
O3 GOL K . -0.44 16.55 -1.90
#